data_9UMZ
#
_entry.id   9UMZ
#
_cell.length_a   1.00
_cell.length_b   1.00
_cell.length_c   1.00
_cell.angle_alpha   90.00
_cell.angle_beta   90.00
_cell.angle_gamma   90.00
#
_symmetry.space_group_name_H-M   'P 1'
#
loop_
_entity.id
_entity.type
_entity.pdbx_description
1 polymer Nucleoprotein
2 polymer 'RNA (28-MER)'
#
loop_
_entity_poly.entity_id
_entity_poly.type
_entity_poly.pdbx_seq_one_letter_code
_entity_poly.pdbx_strand_id
1 'polypeptide(L)'
;MSEWSRIAVEFGEQQLNLTELEDFARELAYEGLDPALIIKKLKETGGDDWVKDTKFIIVFALTRGNKIVKASGKMSNSGS
KRLMALQEKYGLVERAETRLSITPVRVAQSLPTWTCAAAAALKEYLPVGPAVMNLKVENYPPEMMCMAFGSLIPTAGVSE
ATTKTLMEAYSLWQDAFTKTINVKMRGASKTEVYNSFRDPLHAAVNSVFFPNDVRVKWLKAKGILGPDGVPSRAAEVAAA
AYRNL
;
A,B,C,D,E
2 'polyribonucleotide' UUUUUUUUUUUUUUUUUUUUUUUUUUUU K
#
loop_
_chem_comp.id
_chem_comp.type
_chem_comp.name
_chem_comp.formula
U RNA linking URIDINE-5'-MONOPHOSPHATE 'C9 H13 N2 O9 P'
#
# COMPACT_ATOMS: atom_id res chain seq x y z
N MET A 1 25.45 -33.37 -27.92
CA MET A 1 24.25 -32.80 -27.31
C MET A 1 23.24 -32.40 -28.39
N SER A 2 23.07 -31.09 -28.57
CA SER A 2 22.14 -30.55 -29.55
C SER A 2 22.48 -29.08 -29.76
N GLU A 3 21.59 -28.36 -30.43
CA GLU A 3 21.78 -26.93 -30.65
C GLU A 3 21.56 -26.16 -29.35
N TRP A 4 21.15 -26.87 -28.30
CA TRP A 4 20.86 -26.26 -27.01
C TRP A 4 22.08 -25.58 -26.42
N SER A 5 23.11 -26.35 -26.09
CA SER A 5 24.30 -25.82 -25.45
C SER A 5 25.48 -25.65 -26.40
N ARG A 6 25.52 -26.42 -27.49
CA ARG A 6 26.65 -26.34 -28.41
C ARG A 6 26.77 -24.95 -29.02
N ILE A 7 25.65 -24.37 -29.45
CA ILE A 7 25.69 -23.01 -29.97
C ILE A 7 26.02 -22.02 -28.87
N ALA A 8 25.46 -22.23 -27.68
CA ALA A 8 25.71 -21.33 -26.56
C ALA A 8 27.18 -21.35 -26.14
N VAL A 9 27.77 -22.55 -26.05
CA VAL A 9 29.18 -22.64 -25.66
C VAL A 9 30.08 -22.15 -26.78
N GLU A 10 29.69 -22.40 -28.04
CA GLU A 10 30.51 -21.97 -29.18
C GLU A 10 30.57 -20.44 -29.28
N PHE A 11 29.56 -19.77 -28.74
CA PHE A 11 29.57 -18.31 -28.72
C PHE A 11 30.72 -17.74 -27.91
N GLY A 12 31.24 -18.52 -26.95
CA GLY A 12 32.24 -18.00 -26.01
C GLY A 12 33.64 -17.87 -26.57
N GLU A 13 34.02 -18.70 -27.55
CA GLU A 13 35.38 -18.61 -28.08
C GLU A 13 35.63 -17.30 -28.82
N GLN A 14 34.58 -16.62 -29.26
CA GLN A 14 34.78 -15.28 -29.82
C GLN A 14 35.33 -14.36 -28.74
N GLN A 15 36.42 -13.67 -29.05
CA GLN A 15 37.13 -12.83 -28.08
C GLN A 15 36.60 -11.40 -28.19
N LEU A 16 36.14 -10.87 -27.06
CA LEU A 16 35.62 -9.50 -27.04
C LEU A 16 36.74 -8.51 -27.28
N ASN A 17 36.42 -7.45 -28.02
CA ASN A 17 37.32 -6.31 -28.22
C ASN A 17 36.79 -5.11 -27.43
N LEU A 18 37.72 -4.39 -26.78
CA LEU A 18 37.32 -3.38 -25.79
C LEU A 18 36.58 -2.22 -26.44
N THR A 19 37.11 -1.70 -27.54
CA THR A 19 36.55 -0.46 -28.11
C THR A 19 35.13 -0.67 -28.62
N GLU A 20 34.88 -1.78 -29.34
CA GLU A 20 33.55 -2.02 -29.88
C GLU A 20 32.54 -2.31 -28.77
N LEU A 21 32.94 -3.09 -27.76
CA LEU A 21 32.06 -3.31 -26.63
C LEU A 21 31.78 -2.02 -25.87
N GLU A 22 32.81 -1.18 -25.71
CA GLU A 22 32.60 0.13 -25.10
C GLU A 22 31.65 0.98 -25.94
N ASP A 23 31.77 0.92 -27.26
CA ASP A 23 30.93 1.74 -28.13
C ASP A 23 29.46 1.45 -27.91
N PHE A 24 29.11 0.18 -27.75
CA PHE A 24 27.73 -0.18 -27.43
C PHE A 24 27.30 0.44 -26.11
N ALA A 25 28.17 0.40 -25.10
CA ALA A 25 27.84 1.03 -23.82
C ALA A 25 27.83 2.55 -23.94
N ARG A 26 28.78 3.13 -24.69
CA ARG A 26 28.77 4.57 -24.91
C ARG A 26 27.52 5.01 -25.64
N GLU A 27 27.11 4.24 -26.66
CA GLU A 27 25.91 4.57 -27.42
C GLU A 27 24.64 4.28 -26.63
N LEU A 28 24.69 3.36 -25.67
CA LEU A 28 23.52 2.96 -24.89
C LEU A 28 23.79 3.29 -23.42
N ALA A 29 23.37 4.48 -23.01
CA ALA A 29 23.60 4.95 -21.66
C ALA A 29 22.47 5.89 -21.27
N TYR A 30 22.39 6.19 -19.98
CA TYR A 30 21.30 7.02 -19.46
C TYR A 30 21.69 8.49 -19.55
N GLU A 31 20.85 9.28 -20.24
CA GLU A 31 20.93 10.73 -20.21
C GLU A 31 19.57 11.30 -20.57
N GLY A 32 19.13 12.28 -19.79
CA GLY A 32 17.83 12.87 -20.02
C GLY A 32 17.88 14.37 -20.26
N LEU A 33 19.06 14.88 -20.60
CA LEU A 33 19.31 16.30 -20.72
C LEU A 33 20.01 16.63 -22.04
N ASP A 34 19.58 15.94 -23.12
CA ASP A 34 20.20 16.06 -24.44
C ASP A 34 20.27 17.51 -24.90
N PRO A 35 21.47 18.10 -24.93
CA PRO A 35 21.57 19.52 -25.29
C PRO A 35 21.14 19.81 -26.72
N ALA A 36 21.31 18.84 -27.63
CA ALA A 36 21.00 19.05 -29.04
C ALA A 36 19.52 19.39 -29.24
N LEU A 37 18.63 18.46 -28.92
CA LEU A 37 17.22 18.65 -29.24
C LEU A 37 16.55 19.66 -28.32
N ILE A 38 17.07 19.84 -27.11
CA ILE A 38 16.43 20.72 -26.13
C ILE A 38 16.46 22.18 -26.58
N ILE A 39 17.39 22.55 -27.46
CA ILE A 39 17.58 23.95 -27.84
C ILE A 39 16.92 24.22 -29.17
N LYS A 40 16.65 23.17 -29.95
CA LYS A 40 16.02 23.34 -31.26
C LYS A 40 14.64 23.96 -31.13
N LYS A 41 13.85 23.49 -30.17
CA LYS A 41 12.49 24.00 -30.02
C LYS A 41 12.50 25.47 -29.61
N LEU A 42 13.49 25.89 -28.82
CA LEU A 42 13.58 27.29 -28.42
C LEU A 42 13.90 28.19 -29.61
N LYS A 43 14.92 27.84 -30.37
CA LYS A 43 15.39 28.71 -31.46
C LYS A 43 14.46 28.66 -32.68
N GLU A 44 13.99 27.46 -33.05
CA GLU A 44 13.19 27.34 -34.26
C GLU A 44 11.85 28.07 -34.13
N THR A 45 11.19 27.93 -32.98
CA THR A 45 9.91 28.61 -32.78
C THR A 45 10.09 30.13 -32.72
N GLY A 46 11.12 30.61 -32.03
CA GLY A 46 11.36 32.03 -31.92
C GLY A 46 12.64 32.48 -32.57
N GLY A 47 12.54 33.24 -33.66
CA GLY A 47 13.70 33.69 -34.39
C GLY A 47 14.63 34.59 -33.58
N ASP A 48 14.13 35.76 -33.19
CA ASP A 48 14.91 36.70 -32.41
C ASP A 48 14.37 36.92 -31.00
N ASP A 49 13.10 36.59 -30.75
CA ASP A 49 12.52 36.75 -29.42
C ASP A 49 12.91 35.62 -28.47
N TRP A 50 13.57 34.57 -28.97
CA TRP A 50 13.90 33.44 -28.12
C TRP A 50 14.91 33.82 -27.04
N VAL A 51 15.74 34.83 -27.29
CA VAL A 51 16.73 35.25 -26.30
C VAL A 51 16.04 35.75 -25.05
N LYS A 52 15.03 36.61 -25.21
CA LYS A 52 14.21 37.03 -24.08
C LYS A 52 13.19 35.98 -23.69
N ASP A 53 12.82 35.08 -24.61
CA ASP A 53 11.88 34.02 -24.28
C ASP A 53 12.49 33.05 -23.28
N THR A 54 13.71 32.58 -23.54
CA THR A 54 14.35 31.65 -22.61
C THR A 54 14.66 32.30 -21.28
N LYS A 55 14.65 33.64 -21.21
CA LYS A 55 14.86 34.33 -19.95
C LYS A 55 13.80 33.96 -18.93
N PHE A 56 12.53 33.90 -19.36
CA PHE A 56 11.43 33.69 -18.43
C PHE A 56 11.40 32.25 -17.91
N ILE A 57 11.59 31.27 -18.81
CA ILE A 57 11.43 29.87 -18.42
C ILE A 57 12.54 29.43 -17.48
N ILE A 58 13.77 29.83 -17.77
CA ILE A 58 14.92 29.31 -17.02
C ILE A 58 14.87 29.76 -15.56
N VAL A 59 14.52 31.02 -15.32
CA VAL A 59 14.46 31.52 -13.96
C VAL A 59 13.29 30.88 -13.21
N PHE A 60 12.27 30.43 -13.92
CA PHE A 60 11.19 29.69 -13.28
C PHE A 60 11.67 28.32 -12.82
N ALA A 61 12.59 27.71 -13.56
CA ALA A 61 13.14 26.42 -13.14
C ALA A 61 14.12 26.59 -11.99
N LEU A 62 14.88 27.69 -11.98
CA LEU A 62 15.86 27.90 -10.94
C LEU A 62 15.21 28.26 -9.61
N THR A 63 14.07 28.96 -9.65
CA THR A 63 13.47 29.51 -8.44
C THR A 63 12.49 28.55 -7.78
N ARG A 64 11.52 28.03 -8.53
CA ARG A 64 10.44 27.24 -7.95
C ARG A 64 10.51 25.76 -8.27
N GLY A 65 10.71 25.39 -9.53
CA GLY A 65 10.75 23.98 -9.89
C GLY A 65 10.11 23.67 -11.23
N ASN A 66 9.47 22.50 -11.32
CA ASN A 66 8.93 22.02 -12.59
C ASN A 66 7.42 21.81 -12.60
N LYS A 67 6.75 21.89 -11.45
CA LYS A 67 5.32 21.67 -11.42
C LYS A 67 4.59 22.87 -12.00
N ILE A 68 4.44 22.90 -13.34
CA ILE A 68 3.93 24.08 -14.01
C ILE A 68 2.49 24.36 -13.60
N VAL A 69 1.64 23.33 -13.67
CA VAL A 69 0.21 23.53 -13.40
C VAL A 69 -0.02 23.84 -11.92
N LYS A 70 0.73 23.17 -11.04
CA LYS A 70 0.55 23.41 -9.61
C LYS A 70 1.07 24.79 -9.22
N ALA A 71 2.17 25.23 -9.81
CA ALA A 71 2.73 26.54 -9.48
C ALA A 71 1.85 27.68 -10.00
N SER A 72 1.25 27.51 -11.18
CA SER A 72 0.50 28.60 -11.78
C SER A 72 -0.68 29.02 -10.91
N GLY A 73 -1.34 28.05 -10.29
CA GLY A 73 -2.45 28.38 -9.39
C GLY A 73 -1.99 29.19 -8.20
N LYS A 74 -0.84 28.85 -7.63
CA LYS A 74 -0.27 29.57 -6.50
C LYS A 74 0.62 30.72 -6.94
N MET A 75 0.69 30.98 -8.25
CA MET A 75 1.44 32.07 -8.84
C MET A 75 0.62 33.36 -8.81
N SER A 76 1.31 34.48 -9.00
CA SER A 76 0.63 35.76 -9.16
C SER A 76 -0.21 35.76 -10.43
N ASN A 77 -1.29 36.55 -10.42
CA ASN A 77 -2.17 36.62 -11.58
C ASN A 77 -1.43 37.15 -12.80
N SER A 78 -0.59 38.17 -12.62
CA SER A 78 0.22 38.66 -13.73
C SER A 78 1.20 37.60 -14.21
N GLY A 79 1.85 36.90 -13.27
CA GLY A 79 2.78 35.86 -13.66
C GLY A 79 2.10 34.67 -14.30
N SER A 80 0.94 34.26 -13.76
CA SER A 80 0.23 33.10 -14.31
C SER A 80 -0.24 33.36 -15.73
N LYS A 81 -0.73 34.57 -16.01
CA LYS A 81 -1.29 34.85 -17.32
C LYS A 81 -0.25 34.69 -18.42
N ARG A 82 0.96 35.22 -18.21
CA ARG A 82 2.00 35.06 -19.20
C ARG A 82 2.65 33.68 -19.15
N LEU A 83 2.74 33.07 -17.96
CA LEU A 83 3.33 31.73 -17.86
C LEU A 83 2.52 30.71 -18.63
N MET A 84 1.18 30.78 -18.51
CA MET A 84 0.33 29.88 -19.28
C MET A 84 0.47 30.13 -20.77
N ALA A 85 0.68 31.39 -21.17
CA ALA A 85 0.94 31.70 -22.58
C ALA A 85 2.22 31.02 -23.04
N LEU A 86 3.27 31.05 -22.21
CA LEU A 86 4.48 30.28 -22.51
C LEU A 86 4.21 28.79 -22.51
N GLN A 87 3.34 28.34 -21.60
CA GLN A 87 2.98 26.92 -21.57
C GLN A 87 2.30 26.50 -22.86
N GLU A 88 1.37 27.31 -23.36
CA GLU A 88 0.71 26.99 -24.62
C GLU A 88 1.63 27.20 -25.81
N LYS A 89 2.59 28.11 -25.68
CA LYS A 89 3.45 28.46 -26.81
C LYS A 89 4.31 27.28 -27.25
N TYR A 90 4.89 26.56 -26.28
CA TYR A 90 5.74 25.41 -26.57
C TYR A 90 5.17 24.07 -26.11
N GLY A 91 4.22 24.06 -25.19
CA GLY A 91 3.70 22.80 -24.68
C GLY A 91 4.61 22.19 -23.63
N LEU A 92 4.90 22.95 -22.59
CA LEU A 92 5.79 22.49 -21.52
C LEU A 92 5.16 21.33 -20.76
N VAL A 93 6.01 20.50 -20.18
CA VAL A 93 5.57 19.36 -19.38
C VAL A 93 6.24 19.44 -18.01
N GLU A 94 5.60 18.85 -17.01
CA GLU A 94 6.11 18.85 -15.65
C GLU A 94 6.92 17.60 -15.32
N ARG A 95 6.58 16.46 -15.94
CA ARG A 95 7.27 15.21 -15.71
C ARG A 95 7.99 14.80 -16.98
N ALA A 96 9.27 14.46 -16.84
CA ALA A 96 10.10 14.07 -17.99
C ALA A 96 9.77 12.62 -18.37
N GLU A 97 8.61 12.46 -19.01
CA GLU A 97 8.19 11.14 -19.46
C GLU A 97 9.12 10.61 -20.54
N THR A 98 9.56 11.48 -21.44
CA THR A 98 10.48 11.13 -22.51
C THR A 98 11.59 12.17 -22.57
N ARG A 99 12.68 11.81 -23.25
CA ARG A 99 13.82 12.71 -23.35
C ARG A 99 13.46 13.97 -24.14
N LEU A 100 12.70 13.82 -25.23
CA LEU A 100 12.33 14.96 -26.05
C LEU A 100 11.33 15.89 -25.38
N SER A 101 10.77 15.50 -24.24
CA SER A 101 9.82 16.34 -23.54
C SER A 101 10.48 17.64 -23.09
N ILE A 102 9.76 18.74 -23.26
CA ILE A 102 10.26 20.07 -22.90
C ILE A 102 9.82 20.40 -21.47
N THR A 103 10.78 20.46 -20.57
CA THR A 103 10.54 20.87 -19.20
C THR A 103 11.54 21.95 -18.79
N PRO A 104 11.14 22.89 -17.93
CA PRO A 104 12.03 24.03 -17.63
C PRO A 104 13.37 23.64 -17.04
N VAL A 105 13.45 22.57 -16.25
CA VAL A 105 14.70 22.22 -15.59
C VAL A 105 15.77 21.86 -16.61
N ARG A 106 15.38 21.21 -17.72
CA ARG A 106 16.35 20.89 -18.76
C ARG A 106 16.87 22.16 -19.42
N VAL A 107 16.01 23.16 -19.61
CA VAL A 107 16.44 24.42 -20.19
C VAL A 107 17.50 25.07 -19.33
N ALA A 108 17.29 25.08 -18.01
CA ALA A 108 18.33 25.53 -17.10
C ALA A 108 19.54 24.60 -17.16
N GLN A 109 19.29 23.29 -17.17
CA GLN A 109 20.38 22.33 -17.22
C GLN A 109 21.17 22.40 -18.53
N SER A 110 20.56 22.92 -19.59
CA SER A 110 21.22 23.02 -20.88
C SER A 110 21.97 24.33 -21.09
N LEU A 111 21.71 25.35 -20.26
CA LEU A 111 22.43 26.61 -20.31
C LEU A 111 22.93 26.96 -18.91
N PRO A 112 23.87 26.16 -18.37
CA PRO A 112 24.33 26.42 -17.00
C PRO A 112 25.29 27.58 -16.90
N THR A 113 26.01 27.90 -17.99
CA THR A 113 27.04 28.93 -17.93
C THR A 113 26.47 30.28 -17.53
N TRP A 114 25.17 30.49 -17.73
CA TRP A 114 24.49 31.66 -17.17
C TRP A 114 23.69 31.30 -15.92
N THR A 115 23.11 30.10 -15.88
CA THR A 115 22.27 29.71 -14.75
C THR A 115 23.05 29.80 -13.44
N CYS A 116 24.30 29.35 -13.44
CA CYS A 116 25.14 29.51 -12.26
C CYS A 116 25.40 30.98 -11.97
N ALA A 117 25.63 31.78 -13.02
CA ALA A 117 25.82 33.21 -12.82
C ALA A 117 24.54 33.87 -12.30
N ALA A 118 23.39 33.46 -12.82
CA ALA A 118 22.12 33.97 -12.32
C ALA A 118 21.92 33.59 -10.86
N ALA A 119 22.36 32.39 -10.48
CA ALA A 119 22.27 31.97 -9.08
C ALA A 119 23.10 32.88 -8.19
N ALA A 120 24.28 33.30 -8.66
CA ALA A 120 25.09 34.25 -7.90
C ALA A 120 24.36 35.58 -7.73
N ALA A 121 23.68 36.05 -8.78
CA ALA A 121 22.95 37.30 -8.68
C ALA A 121 21.68 37.15 -7.85
N LEU A 122 21.06 35.98 -7.87
CA LEU A 122 19.84 35.70 -7.13
C LEU A 122 20.15 34.64 -6.07
N LYS A 123 20.60 35.09 -4.91
CA LYS A 123 20.96 34.19 -3.82
C LYS A 123 19.85 34.08 -2.77
N GLU A 124 19.26 35.21 -2.37
CA GLU A 124 18.23 35.20 -1.34
C GLU A 124 16.93 34.57 -1.83
N TYR A 125 16.71 34.54 -3.14
CA TYR A 125 15.45 34.05 -3.71
C TYR A 125 15.53 32.59 -4.12
N LEU A 126 16.65 31.93 -3.88
CA LEU A 126 16.82 30.53 -4.27
C LEU A 126 15.93 29.64 -3.41
N PRO A 127 15.59 28.44 -3.90
CA PRO A 127 14.82 27.50 -3.06
C PRO A 127 15.52 27.13 -1.78
N VAL A 128 16.84 27.04 -1.79
CA VAL A 128 17.65 26.85 -0.58
C VAL A 128 18.64 28.02 -0.54
N GLY A 129 18.26 29.07 0.18
CA GLY A 129 19.04 30.29 0.21
C GLY A 129 20.01 30.34 1.38
N PRO A 130 20.72 31.46 1.52
CA PRO A 130 21.68 31.59 2.62
C PRO A 130 21.02 31.53 4.00
N ALA A 131 19.73 31.82 4.11
CA ALA A 131 19.05 31.74 5.40
C ALA A 131 19.10 30.31 5.96
N VAL A 132 19.05 29.32 5.07
CA VAL A 132 19.11 27.94 5.49
C VAL A 132 20.44 27.28 5.12
N MET A 133 21.01 27.61 3.96
CA MET A 133 22.20 26.89 3.48
C MET A 133 23.44 27.28 4.27
N ASN A 134 23.55 28.56 4.65
CA ASN A 134 24.73 29.01 5.39
C ASN A 134 24.85 28.36 6.76
N LEU A 135 23.76 27.84 7.31
CA LEU A 135 23.81 27.14 8.59
C LEU A 135 24.40 25.74 8.46
N LYS A 136 24.86 25.35 7.28
CA LYS A 136 25.47 24.05 7.06
C LYS A 136 26.95 24.13 6.74
N VAL A 137 27.36 25.07 5.90
CA VAL A 137 28.77 25.26 5.55
C VAL A 137 29.07 26.76 5.61
N GLU A 138 30.16 27.11 6.28
CA GLU A 138 30.57 28.51 6.37
C GLU A 138 30.99 29.04 5.00
N ASN A 139 30.84 30.36 4.84
CA ASN A 139 31.23 31.15 3.67
C ASN A 139 31.13 30.39 2.36
N TYR A 140 30.00 29.73 2.15
CA TYR A 140 29.79 29.00 0.90
C TYR A 140 29.69 29.95 -0.28
N PRO A 141 30.32 29.63 -1.41
CA PRO A 141 30.22 30.51 -2.57
C PRO A 141 28.83 30.46 -3.18
N PRO A 142 28.29 31.62 -3.59
CA PRO A 142 26.91 31.63 -4.10
C PRO A 142 26.77 31.10 -5.52
N GLU A 143 27.86 31.02 -6.29
CA GLU A 143 27.76 30.49 -7.65
C GLU A 143 27.31 29.04 -7.64
N MET A 144 27.94 28.22 -6.79
CA MET A 144 27.60 26.79 -6.71
C MET A 144 26.20 26.55 -6.19
N MET A 145 25.55 27.57 -5.63
CA MET A 145 24.19 27.45 -5.08
C MET A 145 23.18 27.39 -6.23
N CYS A 146 23.22 26.29 -6.97
CA CYS A 146 22.35 26.13 -8.12
C CYS A 146 22.18 24.66 -8.44
N MET A 147 21.17 24.36 -9.26
CA MET A 147 20.88 23.00 -9.67
C MET A 147 21.56 22.62 -10.99
N ALA A 148 21.66 23.56 -11.93
CA ALA A 148 22.17 23.26 -13.25
C ALA A 148 23.69 23.34 -13.36
N PHE A 149 24.38 23.84 -12.34
CA PHE A 149 25.82 24.06 -12.45
C PHE A 149 26.57 22.75 -12.61
N GLY A 150 25.93 21.61 -12.29
CA GLY A 150 26.61 20.33 -12.34
C GLY A 150 27.13 19.94 -13.71
N SER A 151 26.60 20.55 -14.77
CA SER A 151 27.12 20.29 -16.11
C SER A 151 28.35 21.11 -16.44
N LEU A 152 28.68 22.12 -15.62
CA LEU A 152 29.86 22.94 -15.86
C LEU A 152 31.11 22.42 -15.18
N ILE A 153 31.00 21.44 -14.30
CA ILE A 153 32.18 20.95 -13.56
C ILE A 153 33.12 20.24 -14.54
N PRO A 154 34.42 20.52 -14.50
CA PRO A 154 35.33 19.95 -15.50
C PRO A 154 35.60 18.47 -15.27
N THR A 155 36.00 17.81 -16.36
CA THR A 155 36.39 16.41 -16.32
C THR A 155 37.69 16.12 -17.07
N ALA A 156 38.17 17.03 -17.91
CA ALA A 156 39.41 16.83 -18.64
C ALA A 156 40.13 18.17 -18.77
N GLY A 157 41.45 18.11 -18.89
CA GLY A 157 42.27 19.29 -18.96
C GLY A 157 42.71 19.85 -17.62
N VAL A 158 42.07 19.41 -16.53
CA VAL A 158 42.43 19.82 -15.18
C VAL A 158 42.58 18.55 -14.35
N SER A 159 43.41 18.63 -13.31
CA SER A 159 43.73 17.45 -12.51
C SER A 159 42.48 16.83 -11.91
N GLU A 160 42.43 15.50 -11.89
CA GLU A 160 41.27 14.78 -11.41
C GLU A 160 41.03 15.02 -9.91
N ALA A 161 42.08 15.37 -9.17
CA ALA A 161 41.91 15.67 -7.75
C ALA A 161 41.00 16.88 -7.55
N THR A 162 41.16 17.91 -8.38
CA THR A 162 40.27 19.06 -8.30
C THR A 162 38.84 18.68 -8.65
N THR A 163 38.66 17.79 -9.62
CA THR A 163 37.32 17.34 -9.97
C THR A 163 36.66 16.60 -8.82
N LYS A 164 37.42 15.75 -8.13
CA LYS A 164 36.85 14.96 -7.04
C LYS A 164 36.39 15.85 -5.88
N THR A 165 37.24 16.77 -5.44
CA THR A 165 36.87 17.66 -4.34
C THR A 165 35.71 18.57 -4.75
N LEU A 166 35.71 19.04 -6.00
CA LEU A 166 34.60 19.87 -6.47
C LEU A 166 33.33 19.05 -6.64
N MET A 167 33.46 17.75 -6.95
CA MET A 167 32.31 16.86 -6.92
C MET A 167 31.69 16.80 -5.52
N GLU A 168 32.53 16.69 -4.49
CA GLU A 168 32.03 16.59 -3.13
C GLU A 168 31.34 17.88 -2.69
N ALA A 169 31.90 19.03 -3.06
CA ALA A 169 31.31 20.31 -2.66
C ALA A 169 29.94 20.51 -3.28
N TYR A 170 29.79 20.18 -4.57
CA TYR A 170 28.49 20.27 -5.22
C TYR A 170 27.52 19.27 -4.62
N SER A 171 27.98 18.05 -4.31
CA SER A 171 27.10 17.04 -3.77
C SER A 171 26.49 17.48 -2.43
N LEU A 172 27.22 18.29 -1.67
CA LEU A 172 26.69 18.79 -0.42
C LEU A 172 25.49 19.71 -0.66
N TRP A 173 25.56 20.56 -1.69
CA TRP A 173 24.44 21.42 -2.01
C TRP A 173 23.22 20.61 -2.43
N GLN A 174 23.45 19.51 -3.16
CA GLN A 174 22.35 18.63 -3.53
C GLN A 174 21.68 18.04 -2.29
N ASP A 175 22.49 17.69 -1.27
CA ASP A 175 21.93 17.18 -0.03
C ASP A 175 21.03 18.21 0.63
N ALA A 176 21.48 19.46 0.68
CA ALA A 176 20.65 20.53 1.24
C ALA A 176 19.41 20.77 0.38
N PHE A 177 19.57 20.74 -0.95
CA PHE A 177 18.44 21.00 -1.83
C PHE A 177 17.43 19.86 -1.79
N THR A 178 17.91 18.61 -1.90
CA THR A 178 17.00 17.47 -1.99
C THR A 178 16.17 17.32 -0.72
N LYS A 179 16.78 17.50 0.44
CA LYS A 179 16.04 17.41 1.69
C LYS A 179 14.96 18.48 1.77
N THR A 180 15.29 19.70 1.36
CA THR A 180 14.32 20.79 1.45
C THR A 180 13.22 20.65 0.39
N ILE A 181 13.58 20.23 -0.82
CA ILE A 181 12.60 20.23 -1.90
C ILE A 181 11.67 19.03 -1.82
N ASN A 182 12.13 17.92 -1.25
CA ASN A 182 11.35 16.69 -1.19
C ASN A 182 11.13 16.30 0.26
N VAL A 183 9.87 16.03 0.63
CA VAL A 183 9.55 15.65 1.99
C VAL A 183 9.94 14.20 2.27
N LYS A 184 9.98 13.36 1.23
CA LYS A 184 10.26 11.95 1.43
C LYS A 184 11.67 11.73 1.96
N MET A 185 12.64 12.49 1.44
CA MET A 185 14.04 12.33 1.84
C MET A 185 14.37 13.08 3.13
N ARG A 186 13.41 13.79 3.72
CA ARG A 186 13.65 14.48 4.98
C ARG A 186 13.96 13.47 6.08
N GLY A 187 15.05 13.71 6.81
CA GLY A 187 15.43 12.84 7.90
C GLY A 187 16.12 11.56 7.48
N ALA A 188 16.35 11.35 6.20
CA ALA A 188 16.99 10.13 5.73
C ALA A 188 18.48 10.18 5.99
N SER A 189 19.14 9.03 5.80
CA SER A 189 20.57 8.93 6.01
C SER A 189 21.33 9.71 4.93
N LYS A 190 22.60 9.99 5.22
CA LYS A 190 23.42 10.75 4.27
C LYS A 190 23.59 9.99 2.96
N THR A 191 23.69 8.66 3.02
CA THR A 191 23.78 7.89 1.79
C THR A 191 22.43 7.77 1.08
N GLU A 192 21.34 7.71 1.84
CA GLU A 192 20.02 7.57 1.23
C GLU A 192 19.67 8.77 0.35
N VAL A 193 19.92 9.98 0.87
CA VAL A 193 19.70 11.17 0.07
C VAL A 193 20.68 11.24 -1.10
N TYR A 194 21.91 10.74 -0.89
CA TYR A 194 22.89 10.71 -1.97
C TYR A 194 22.44 9.80 -3.10
N ASN A 195 21.68 8.75 -2.77
CA ASN A 195 21.23 7.80 -3.79
C ASN A 195 20.31 8.44 -4.82
N SER A 196 19.76 9.63 -4.54
CA SER A 196 18.75 10.21 -5.40
C SER A 196 19.33 10.92 -6.62
N PHE A 197 20.64 11.21 -6.65
CA PHE A 197 21.17 12.00 -7.75
C PHE A 197 22.50 11.46 -8.27
N ARG A 198 22.72 10.14 -8.22
CA ARG A 198 23.91 9.60 -8.88
C ARG A 198 23.80 9.73 -10.40
N ASP A 199 22.67 9.31 -10.97
CA ASP A 199 22.57 9.23 -12.42
C ASP A 199 22.51 10.60 -13.08
N PRO A 200 21.61 11.51 -12.72
CA PRO A 200 21.58 12.81 -13.42
C PRO A 200 22.86 13.60 -13.26
N LEU A 201 23.52 13.52 -12.10
CA LEU A 201 24.75 14.28 -11.90
C LEU A 201 25.91 13.70 -12.69
N HIS A 202 26.06 12.37 -12.65
CA HIS A 202 27.16 11.74 -13.39
C HIS A 202 26.99 11.89 -14.90
N ALA A 203 25.74 11.98 -15.37
CA ALA A 203 25.52 12.24 -16.80
C ALA A 203 25.96 13.64 -17.17
N ALA A 204 25.76 14.61 -16.28
CA ALA A 204 26.13 15.99 -16.59
C ALA A 204 27.65 16.17 -16.66
N VAL A 205 28.38 15.60 -15.71
CA VAL A 205 29.83 15.77 -15.68
C VAL A 205 30.47 15.08 -16.88
N ASN A 206 29.93 13.94 -17.30
CA ASN A 206 30.46 13.19 -18.43
C ASN A 206 29.88 13.63 -19.76
N SER A 207 28.99 14.63 -19.77
CA SER A 207 28.44 15.13 -21.02
C SER A 207 29.53 15.77 -21.86
N VAL A 208 29.47 15.54 -23.17
CA VAL A 208 30.52 15.99 -24.09
C VAL A 208 30.06 17.11 -24.99
N PHE A 209 28.81 17.55 -24.89
CA PHE A 209 28.32 18.62 -25.76
C PHE A 209 29.02 19.93 -25.47
N PHE A 210 29.24 20.23 -24.18
CA PHE A 210 30.08 21.36 -23.79
C PHE A 210 31.55 21.02 -23.93
N PRO A 211 32.32 21.78 -24.70
CA PRO A 211 33.78 21.59 -24.70
C PRO A 211 34.38 21.92 -23.34
N ASN A 212 35.50 21.28 -23.04
CA ASN A 212 36.19 21.56 -21.78
C ASN A 212 36.87 22.92 -21.77
N ASP A 213 36.94 23.60 -22.92
CA ASP A 213 37.58 24.91 -22.96
C ASP A 213 36.70 25.98 -22.33
N VAL A 214 35.39 25.93 -22.57
CA VAL A 214 34.50 26.97 -22.05
C VAL A 214 34.40 26.89 -20.53
N ARG A 215 34.38 25.68 -19.98
CA ARG A 215 34.20 25.54 -18.53
C ARG A 215 35.43 26.06 -17.77
N VAL A 216 36.64 25.73 -18.25
CA VAL A 216 37.84 26.11 -17.52
C VAL A 216 38.03 27.63 -17.55
N LYS A 217 37.71 28.27 -18.68
CA LYS A 217 37.83 29.72 -18.76
C LYS A 217 36.72 30.41 -17.98
N TRP A 218 35.56 29.77 -17.85
CA TRP A 218 34.46 30.36 -17.08
C TRP A 218 34.70 30.25 -15.58
N LEU A 219 35.22 29.10 -15.13
CA LEU A 219 35.40 28.89 -13.69
C LEU A 219 36.42 29.87 -13.12
N LYS A 220 37.52 30.11 -13.84
CA LYS A 220 38.53 31.04 -13.35
C LYS A 220 38.02 32.47 -13.33
N ALA A 221 37.05 32.80 -14.19
CA ALA A 221 36.48 34.15 -14.20
C ALA A 221 35.72 34.44 -12.92
N LYS A 222 34.98 33.45 -12.41
CA LYS A 222 34.16 33.65 -11.22
C LYS A 222 34.93 33.45 -9.91
N GLY A 223 36.18 33.01 -9.98
CA GLY A 223 36.97 32.83 -8.78
C GLY A 223 36.72 31.54 -8.02
N ILE A 224 35.91 30.63 -8.57
CA ILE A 224 35.68 29.35 -7.89
C ILE A 224 36.96 28.54 -7.80
N LEU A 225 37.90 28.76 -8.71
CA LEU A 225 39.21 28.14 -8.65
C LEU A 225 40.29 29.18 -8.86
N GLY A 226 41.44 28.97 -8.24
CA GLY A 226 42.54 29.91 -8.34
C GLY A 226 43.26 29.81 -9.66
N PRO A 227 44.22 30.72 -9.85
CA PRO A 227 44.99 30.71 -11.11
C PRO A 227 45.75 29.42 -11.34
N ASP A 228 46.19 28.74 -10.28
CA ASP A 228 46.93 27.49 -10.43
C ASP A 228 46.06 26.34 -10.89
N GLY A 229 44.74 26.50 -10.91
CA GLY A 229 43.84 25.46 -11.35
C GLY A 229 43.23 24.62 -10.25
N VAL A 230 43.37 25.01 -8.99
CA VAL A 230 42.79 24.27 -7.88
C VAL A 230 41.59 25.05 -7.35
N PRO A 231 40.60 24.38 -6.77
CA PRO A 231 39.41 25.10 -6.29
C PRO A 231 39.74 26.07 -5.16
N SER A 232 38.91 27.11 -5.04
CA SER A 232 39.12 28.13 -4.04
C SER A 232 38.92 27.58 -2.63
N ARG A 233 39.26 28.40 -1.64
CA ARG A 233 39.23 27.96 -0.25
C ARG A 233 37.83 27.51 0.16
N ALA A 234 36.80 28.25 -0.23
CA ALA A 234 35.44 27.90 0.14
C ALA A 234 35.02 26.54 -0.42
N ALA A 235 35.62 26.09 -1.51
CA ALA A 235 35.24 24.81 -2.10
C ALA A 235 35.71 23.64 -1.23
N GLU A 236 36.97 23.67 -0.81
CA GLU A 236 37.51 22.53 -0.06
C GLU A 236 36.86 22.40 1.31
N VAL A 237 36.60 23.52 1.98
CA VAL A 237 35.93 23.45 3.28
C VAL A 237 34.52 22.91 3.12
N ALA A 238 33.86 23.20 2.00
CA ALA A 238 32.59 22.57 1.71
C ALA A 238 32.76 21.07 1.48
N ALA A 239 33.79 20.67 0.73
CA ALA A 239 34.05 19.26 0.50
C ALA A 239 34.42 18.56 1.81
N ALA A 240 35.23 19.22 2.65
CA ALA A 240 35.59 18.64 3.93
C ALA A 240 34.38 18.49 4.84
N ALA A 241 33.48 19.48 4.82
CA ALA A 241 32.28 19.41 5.64
C ALA A 241 31.38 18.25 5.24
N TYR A 242 31.44 17.83 3.96
CA TYR A 242 30.62 16.70 3.53
C TYR A 242 31.11 15.40 4.14
N ARG A 243 32.41 15.28 4.41
CA ARG A 243 32.93 14.06 5.02
C ARG A 243 32.38 13.85 6.42
N ASN A 244 32.31 14.91 7.22
CA ASN A 244 31.81 14.80 8.57
C ASN A 244 30.29 14.88 8.58
N LEU A 245 29.70 14.70 9.76
CA LEU A 245 28.25 14.73 9.92
C LEU A 245 27.69 16.12 9.63
N MET B 1 -25.07 -43.03 1.68
CA MET B 1 -26.50 -43.10 1.94
C MET B 1 -27.31 -42.82 0.68
N SER B 2 -26.62 -42.42 -0.38
CA SER B 2 -27.24 -42.12 -1.66
C SER B 2 -26.47 -42.82 -2.77
N GLU B 3 -27.14 -42.98 -3.92
CA GLU B 3 -26.50 -43.59 -5.07
C GLU B 3 -25.37 -42.74 -5.62
N TRP B 4 -25.33 -41.44 -5.28
CA TRP B 4 -24.26 -40.57 -5.74
C TRP B 4 -23.15 -40.40 -4.71
N SER B 5 -23.43 -40.61 -3.43
CA SER B 5 -22.36 -40.73 -2.45
C SER B 5 -21.55 -42.00 -2.68
N ARG B 6 -22.20 -43.04 -3.19
CA ARG B 6 -21.49 -44.29 -3.50
C ARG B 6 -20.63 -44.12 -4.75
N ILE B 7 -21.18 -43.49 -5.80
CA ILE B 7 -20.42 -43.35 -7.04
C ILE B 7 -19.22 -42.42 -6.83
N ALA B 8 -19.33 -41.48 -5.90
CA ALA B 8 -18.19 -40.60 -5.61
C ALA B 8 -17.07 -41.37 -4.93
N VAL B 9 -17.41 -42.32 -4.06
CA VAL B 9 -16.39 -43.06 -3.33
C VAL B 9 -15.98 -44.34 -4.04
N GLU B 10 -16.78 -44.82 -5.01
CA GLU B 10 -16.47 -46.10 -5.64
C GLU B 10 -15.17 -46.06 -6.42
N PHE B 11 -14.90 -44.97 -7.15
CA PHE B 11 -13.62 -44.85 -7.83
C PHE B 11 -12.56 -44.17 -6.98
N GLY B 12 -12.96 -43.60 -5.84
CA GLY B 12 -11.99 -43.08 -4.90
C GLY B 12 -11.27 -44.15 -4.11
N GLU B 13 -11.85 -45.34 -4.04
CA GLU B 13 -11.21 -46.49 -3.39
C GLU B 13 -10.44 -47.37 -4.36
N GLN B 14 -10.51 -47.08 -5.67
CA GLN B 14 -9.81 -47.90 -6.65
C GLN B 14 -8.31 -47.75 -6.47
N GLN B 15 -7.59 -48.86 -6.64
CA GLN B 15 -6.14 -48.82 -6.56
C GLN B 15 -5.58 -47.98 -7.70
N LEU B 16 -4.58 -47.17 -7.39
CA LEU B 16 -3.98 -46.26 -8.37
C LEU B 16 -2.73 -46.92 -8.95
N ASN B 17 -2.68 -47.02 -10.28
CA ASN B 17 -1.51 -47.51 -10.97
C ASN B 17 -0.47 -46.40 -11.09
N LEU B 18 0.74 -46.67 -10.57
CA LEU B 18 1.75 -45.61 -10.46
C LEU B 18 2.26 -45.18 -11.82
N THR B 19 2.25 -46.06 -12.82
CA THR B 19 2.80 -45.76 -14.13
C THR B 19 1.81 -45.03 -15.03
N GLU B 20 0.71 -44.53 -14.46
CA GLU B 20 -0.23 -43.69 -15.18
C GLU B 20 -0.55 -42.41 -14.44
N LEU B 21 -0.23 -42.33 -13.15
CA LEU B 21 -0.33 -41.10 -12.38
C LEU B 21 0.99 -40.35 -12.29
N GLU B 22 2.10 -41.08 -12.15
CA GLU B 22 3.41 -40.43 -12.26
C GLU B 22 3.70 -40.01 -13.70
N ASP B 23 3.09 -40.70 -14.68
CA ASP B 23 3.19 -40.25 -16.06
C ASP B 23 2.58 -38.86 -16.22
N PHE B 24 1.43 -38.64 -15.58
CA PHE B 24 0.87 -37.29 -15.50
C PHE B 24 1.36 -36.59 -14.23
N ALA B 25 2.68 -36.59 -14.06
CA ALA B 25 3.35 -35.80 -13.04
C ALA B 25 4.58 -35.11 -13.56
N ARG B 26 5.10 -35.50 -14.73
CA ARG B 26 6.17 -34.78 -15.40
C ARG B 26 5.68 -33.94 -16.56
N GLU B 27 4.53 -34.29 -17.14
CA GLU B 27 3.85 -33.46 -18.14
C GLU B 27 3.17 -32.27 -17.49
N LEU B 28 3.08 -32.27 -16.17
CA LEU B 28 2.46 -31.18 -15.41
C LEU B 28 3.44 -30.55 -14.43
N ALA B 29 4.67 -31.03 -14.38
CA ALA B 29 5.68 -30.50 -13.47
C ALA B 29 6.12 -29.13 -13.95
N TYR B 30 7.06 -28.52 -13.25
CA TYR B 30 7.46 -27.14 -13.52
C TYR B 30 8.68 -27.13 -14.42
N GLU B 31 8.57 -26.43 -15.55
CA GLU B 31 9.72 -26.00 -16.34
C GLU B 31 9.49 -24.51 -16.66
N GLY B 32 10.21 -23.65 -15.94
CA GLY B 32 10.14 -22.23 -16.17
C GLY B 32 10.78 -21.85 -17.49
N LEU B 33 11.20 -20.59 -17.62
CA LEU B 33 11.97 -20.17 -18.79
C LEU B 33 13.03 -21.20 -19.12
N ASP B 34 12.96 -21.73 -20.35
CA ASP B 34 13.85 -22.81 -20.74
C ASP B 34 14.92 -22.27 -21.66
N PRO B 35 16.19 -22.29 -21.26
CA PRO B 35 17.26 -21.95 -22.20
C PRO B 35 17.27 -22.94 -23.36
N ALA B 36 17.71 -22.44 -24.52
CA ALA B 36 17.64 -23.03 -25.85
C ALA B 36 16.25 -22.88 -26.46
N LEU B 37 15.26 -22.40 -25.72
CA LEU B 37 13.98 -22.07 -26.31
C LEU B 37 13.97 -20.62 -26.78
N ILE B 38 14.54 -19.72 -25.97
CA ILE B 38 14.72 -18.34 -26.40
C ILE B 38 15.77 -18.26 -27.51
N ILE B 39 16.80 -19.11 -27.44
CA ILE B 39 17.86 -19.08 -28.45
C ILE B 39 17.31 -19.41 -29.83
N LYS B 40 16.40 -20.38 -29.89
CA LYS B 40 15.84 -20.82 -31.17
C LYS B 40 15.18 -19.66 -31.91
N LYS B 41 14.44 -18.82 -31.18
CA LYS B 41 13.81 -17.66 -31.81
C LYS B 41 14.85 -16.70 -32.37
N LEU B 42 15.95 -16.50 -31.63
CA LEU B 42 17.04 -15.65 -32.13
C LEU B 42 17.65 -16.22 -33.41
N LYS B 43 17.87 -17.54 -33.44
CA LYS B 43 18.49 -18.15 -34.60
C LYS B 43 17.54 -18.17 -35.80
N GLU B 44 16.24 -18.38 -35.57
CA GLU B 44 15.31 -18.49 -36.68
C GLU B 44 15.02 -17.14 -37.32
N THR B 45 15.03 -16.07 -36.54
CA THR B 45 14.68 -14.75 -37.06
C THR B 45 15.89 -13.97 -37.57
N GLY B 46 17.04 -14.12 -36.94
CA GLY B 46 18.22 -13.37 -37.34
C GLY B 46 19.44 -14.23 -37.56
N GLY B 47 19.24 -15.40 -38.16
CA GLY B 47 20.33 -16.36 -38.32
C GLY B 47 21.54 -15.83 -39.06
N ASP B 48 21.36 -14.82 -39.92
CA ASP B 48 22.48 -14.21 -40.60
C ASP B 48 23.19 -13.17 -39.76
N ASP B 49 22.52 -12.58 -38.76
CA ASP B 49 23.13 -11.53 -37.96
C ASP B 49 22.80 -11.64 -36.47
N TRP B 50 22.46 -12.84 -35.98
CA TRP B 50 22.17 -12.99 -34.56
C TRP B 50 23.41 -12.76 -33.70
N VAL B 51 24.60 -12.93 -34.26
CA VAL B 51 25.82 -12.74 -33.49
C VAL B 51 25.95 -11.29 -33.04
N LYS B 52 25.72 -10.35 -33.95
CA LYS B 52 25.81 -8.93 -33.60
C LYS B 52 24.59 -8.47 -32.82
N ASP B 53 23.39 -8.96 -33.18
CA ASP B 53 22.18 -8.51 -32.51
C ASP B 53 22.13 -8.96 -31.06
N THR B 54 22.62 -10.17 -30.77
CA THR B 54 22.59 -10.66 -29.40
C THR B 54 23.45 -9.82 -28.48
N LYS B 55 24.61 -9.37 -28.97
CA LYS B 55 25.51 -8.58 -28.14
C LYS B 55 24.88 -7.27 -27.69
N PHE B 56 24.13 -6.61 -28.58
CA PHE B 56 23.45 -5.38 -28.21
C PHE B 56 22.42 -5.64 -27.11
N ILE B 57 21.68 -6.75 -27.21
CA ILE B 57 20.70 -7.08 -26.18
C ILE B 57 21.39 -7.37 -24.85
N ILE B 58 22.50 -8.11 -24.88
CA ILE B 58 23.21 -8.43 -23.64
C ILE B 58 23.73 -7.16 -22.99
N VAL B 59 24.29 -6.25 -23.78
CA VAL B 59 24.79 -4.99 -23.23
C VAL B 59 23.65 -4.21 -22.58
N PHE B 60 22.48 -4.21 -23.21
CA PHE B 60 21.33 -3.53 -22.64
C PHE B 60 20.94 -4.15 -21.29
N ALA B 61 20.99 -5.47 -21.19
CA ALA B 61 20.67 -6.13 -19.93
C ALA B 61 21.68 -5.77 -18.85
N LEU B 62 22.96 -5.67 -19.22
CA LEU B 62 23.99 -5.34 -18.24
C LEU B 62 23.83 -3.90 -17.75
N THR B 63 23.69 -2.94 -18.65
CA THR B 63 23.70 -1.53 -18.30
C THR B 63 22.30 -0.96 -18.08
N ARG B 64 21.26 -1.77 -18.19
CA ARG B 64 19.90 -1.29 -17.97
C ARG B 64 19.07 -2.44 -17.40
N GLY B 65 17.76 -2.22 -17.31
CA GLY B 65 16.86 -3.24 -16.82
C GLY B 65 16.01 -3.87 -17.90
N ASN B 66 14.73 -4.09 -17.61
CA ASN B 66 13.82 -4.69 -18.57
C ASN B 66 12.81 -3.72 -19.16
N LYS B 67 12.63 -2.53 -18.56
CA LYS B 67 11.65 -1.58 -19.06
C LYS B 67 12.12 -0.99 -20.38
N ILE B 68 11.70 -1.59 -21.49
CA ILE B 68 12.15 -1.13 -22.80
C ILE B 68 11.58 0.24 -23.11
N VAL B 69 10.34 0.52 -22.69
CA VAL B 69 9.74 1.82 -22.94
C VAL B 69 10.41 2.89 -22.08
N LYS B 70 10.62 2.60 -20.79
CA LYS B 70 11.24 3.56 -19.89
C LYS B 70 12.68 3.85 -20.31
N ALA B 71 13.42 2.81 -20.70
CA ALA B 71 14.81 3.00 -21.08
C ALA B 71 14.92 3.79 -22.38
N SER B 72 14.11 3.44 -23.38
CA SER B 72 14.20 4.10 -24.68
C SER B 72 13.79 5.57 -24.63
N GLY B 73 13.05 5.98 -23.60
CA GLY B 73 12.62 7.36 -23.48
C GLY B 73 13.63 8.29 -22.88
N LYS B 74 14.78 7.79 -22.43
CA LYS B 74 15.80 8.63 -21.82
C LYS B 74 17.21 8.26 -22.31
N MET B 75 17.35 7.99 -23.61
CA MET B 75 18.67 7.61 -24.12
C MET B 75 18.88 8.20 -25.52
N SER B 76 19.92 7.74 -26.22
CA SER B 76 20.38 8.41 -27.43
C SER B 76 19.41 8.20 -28.60
N ASN B 77 19.56 9.05 -29.62
CA ASN B 77 18.75 8.92 -30.83
C ASN B 77 19.10 7.65 -31.61
N SER B 78 20.38 7.44 -31.88
CA SER B 78 20.79 6.38 -32.79
C SER B 78 20.45 5.00 -32.23
N GLY B 79 20.63 4.80 -30.92
CA GLY B 79 20.25 3.54 -30.33
C GLY B 79 18.75 3.31 -30.34
N SER B 80 17.97 4.39 -30.18
CA SER B 80 16.53 4.26 -30.08
C SER B 80 15.94 3.64 -31.34
N LYS B 81 16.36 4.11 -32.51
CA LYS B 81 15.90 3.49 -33.76
C LYS B 81 16.49 2.10 -33.92
N ARG B 82 17.72 1.88 -33.43
CA ARG B 82 18.31 0.55 -33.51
C ARG B 82 17.62 -0.42 -32.57
N LEU B 83 17.42 -0.01 -31.30
CA LEU B 83 16.80 -0.92 -30.33
C LEU B 83 15.35 -1.20 -30.68
N MET B 84 14.61 -0.17 -31.12
CA MET B 84 13.22 -0.39 -31.51
C MET B 84 13.12 -1.30 -32.73
N ALA B 85 14.07 -1.17 -33.66
CA ALA B 85 14.07 -2.07 -34.82
C ALA B 85 14.27 -3.52 -34.39
N LEU B 86 15.23 -3.77 -33.49
CA LEU B 86 15.43 -5.11 -32.97
C LEU B 86 14.25 -5.55 -32.13
N GLN B 87 13.50 -4.60 -31.56
CA GLN B 87 12.35 -4.95 -30.74
C GLN B 87 11.26 -5.62 -31.55
N GLU B 88 10.99 -5.12 -32.76
CA GLU B 88 9.87 -5.67 -33.53
C GLU B 88 10.27 -6.97 -34.24
N LYS B 89 11.56 -7.13 -34.58
CA LYS B 89 12.00 -8.43 -35.11
C LYS B 89 11.87 -9.53 -34.06
N TYR B 90 12.28 -9.26 -32.82
CA TYR B 90 12.44 -10.28 -31.81
C TYR B 90 11.33 -10.28 -30.76
N GLY B 91 10.48 -9.26 -30.75
CA GLY B 91 9.35 -9.23 -29.83
C GLY B 91 9.74 -9.18 -28.37
N LEU B 92 10.76 -8.40 -28.03
CA LEU B 92 11.14 -8.25 -26.63
C LEU B 92 10.03 -7.55 -25.86
N VAL B 93 9.82 -7.98 -24.62
CA VAL B 93 8.80 -7.41 -23.76
C VAL B 93 9.41 -7.14 -22.39
N GLU B 94 8.86 -6.14 -21.70
CA GLU B 94 9.38 -5.76 -20.38
C GLU B 94 8.98 -6.75 -19.30
N ARG B 95 7.85 -7.42 -19.46
CA ARG B 95 7.34 -8.37 -18.48
C ARG B 95 7.22 -9.75 -19.10
N ALA B 96 7.65 -10.77 -18.36
CA ALA B 96 7.59 -12.15 -18.82
C ALA B 96 6.28 -12.78 -18.35
N GLU B 97 5.49 -13.29 -19.30
CA GLU B 97 4.21 -13.91 -18.99
C GLU B 97 4.23 -15.43 -19.11
N THR B 98 4.94 -15.97 -20.09
CA THR B 98 4.96 -17.41 -20.31
C THR B 98 6.38 -17.93 -20.43
N ARG B 99 6.53 -19.21 -20.78
CA ARG B 99 7.85 -19.79 -20.98
C ARG B 99 8.50 -19.27 -22.27
N LEU B 100 7.70 -18.99 -23.28
CA LEU B 100 8.22 -18.51 -24.56
C LEU B 100 8.50 -17.02 -24.57
N SER B 101 8.03 -16.28 -23.57
CA SER B 101 8.25 -14.84 -23.52
C SER B 101 9.73 -14.53 -23.37
N ILE B 102 10.22 -13.57 -24.16
CA ILE B 102 11.63 -13.21 -24.17
C ILE B 102 11.77 -11.78 -23.68
N THR B 103 12.52 -11.59 -22.60
CA THR B 103 12.89 -10.29 -22.06
C THR B 103 14.38 -10.06 -22.26
N PRO B 104 14.83 -8.81 -22.41
CA PRO B 104 16.23 -8.57 -22.75
C PRO B 104 17.22 -9.18 -21.77
N VAL B 105 16.90 -9.24 -20.47
CA VAL B 105 17.84 -9.85 -19.53
C VAL B 105 17.90 -11.36 -19.73
N ARG B 106 16.81 -11.97 -20.20
CA ARG B 106 16.78 -13.42 -20.39
C ARG B 106 17.78 -13.86 -21.43
N VAL B 107 17.90 -13.11 -22.53
CA VAL B 107 18.88 -13.46 -23.56
C VAL B 107 20.29 -13.39 -22.99
N ALA B 108 20.57 -12.36 -22.18
CA ALA B 108 21.89 -12.23 -21.58
C ALA B 108 22.14 -13.27 -20.50
N GLN B 109 21.10 -13.85 -19.91
CA GLN B 109 21.29 -14.88 -18.89
C GLN B 109 21.42 -16.28 -19.47
N SER B 110 21.16 -16.47 -20.76
CA SER B 110 21.39 -17.75 -21.40
C SER B 110 22.72 -17.81 -22.14
N LEU B 111 23.50 -16.73 -22.11
CA LEU B 111 24.88 -16.74 -22.64
C LEU B 111 25.83 -16.08 -21.64
N PRO B 112 26.00 -16.68 -20.46
CA PRO B 112 26.88 -16.08 -19.46
C PRO B 112 28.35 -16.06 -19.85
N THR B 113 28.77 -16.91 -20.79
CA THR B 113 30.18 -16.97 -21.14
C THR B 113 30.69 -15.66 -21.73
N TRP B 114 29.79 -14.80 -22.21
CA TRP B 114 30.15 -13.49 -22.74
C TRP B 114 29.85 -12.35 -21.79
N THR B 115 28.66 -12.34 -21.17
CA THR B 115 28.28 -11.22 -20.33
C THR B 115 29.18 -11.08 -19.10
N CYS B 116 29.74 -12.19 -18.62
CA CYS B 116 30.68 -12.12 -17.51
C CYS B 116 31.94 -11.37 -17.92
N ALA B 117 32.49 -11.71 -19.08
CA ALA B 117 33.62 -10.96 -19.61
C ALA B 117 33.20 -9.54 -19.99
N ALA B 118 31.98 -9.39 -20.53
CA ALA B 118 31.47 -8.07 -20.87
C ALA B 118 31.32 -7.20 -19.64
N ALA B 119 30.82 -7.78 -18.54
CA ALA B 119 30.68 -7.01 -17.30
C ALA B 119 32.03 -6.55 -16.78
N ALA B 120 33.06 -7.40 -16.89
CA ALA B 120 34.38 -7.02 -16.42
C ALA B 120 34.93 -5.84 -17.22
N ALA B 121 34.71 -5.85 -18.55
CA ALA B 121 35.20 -4.76 -19.38
C ALA B 121 34.50 -3.44 -19.06
N LEU B 122 33.20 -3.49 -18.77
CA LEU B 122 32.40 -2.30 -18.50
C LEU B 122 32.07 -2.17 -17.02
N LYS B 123 33.04 -2.48 -16.15
CA LYS B 123 32.79 -2.39 -14.71
C LYS B 123 32.41 -0.98 -14.29
N GLU B 124 32.84 0.03 -15.06
CA GLU B 124 32.51 1.42 -14.76
C GLU B 124 31.09 1.79 -15.14
N TYR B 125 30.41 0.98 -15.95
CA TYR B 125 29.12 1.35 -16.52
C TYR B 125 27.96 0.52 -16.00
N LEU B 126 28.20 -0.47 -15.14
CA LEU B 126 27.11 -1.20 -14.53
C LEU B 126 26.30 -0.27 -13.62
N PRO B 127 24.98 -0.51 -13.51
CA PRO B 127 24.18 0.30 -12.57
C PRO B 127 24.69 0.22 -11.15
N VAL B 128 25.16 -0.94 -10.72
CA VAL B 128 25.92 -1.10 -9.49
C VAL B 128 27.27 -1.72 -9.85
N GLY B 129 28.34 -1.06 -9.46
CA GLY B 129 29.67 -1.49 -9.83
C GLY B 129 30.67 -1.35 -8.71
N PRO B 130 31.96 -1.53 -9.04
CA PRO B 130 32.99 -1.38 -8.01
C PRO B 130 33.01 -0.02 -7.36
N ALA B 131 32.75 1.05 -8.12
CA ALA B 131 32.86 2.40 -7.59
C ALA B 131 31.99 2.60 -6.36
N VAL B 132 30.84 1.93 -6.30
CA VAL B 132 29.99 1.95 -5.12
C VAL B 132 30.15 0.68 -4.29
N MET B 133 31.17 -0.14 -4.57
CA MET B 133 31.32 -1.40 -3.87
C MET B 133 32.74 -1.72 -3.44
N ASN B 134 33.77 -1.04 -3.99
CA ASN B 134 35.13 -1.29 -3.52
C ASN B 134 35.27 -1.05 -2.02
N LEU B 135 34.45 -0.17 -1.46
CA LEU B 135 34.47 0.06 -0.01
C LEU B 135 34.01 -1.16 0.77
N LYS B 136 33.39 -2.14 0.11
CA LYS B 136 32.96 -3.36 0.78
C LYS B 136 34.06 -4.43 0.74
N VAL B 137 34.49 -4.81 -0.45
CA VAL B 137 35.53 -5.82 -0.63
C VAL B 137 36.53 -5.30 -1.65
N GLU B 138 37.81 -5.37 -1.30
CA GLU B 138 38.87 -4.93 -2.20
C GLU B 138 39.23 -6.02 -3.20
N ASN B 139 39.62 -5.58 -4.40
CA ASN B 139 40.06 -6.48 -5.48
C ASN B 139 39.00 -7.53 -5.80
N TYR B 140 37.75 -7.10 -5.86
CA TYR B 140 36.66 -8.01 -6.19
C TYR B 140 36.78 -8.49 -7.63
N PRO B 141 36.40 -9.73 -7.93
CA PRO B 141 36.46 -10.23 -9.30
C PRO B 141 35.59 -9.39 -10.23
N PRO B 142 36.15 -8.86 -11.32
CA PRO B 142 35.38 -7.95 -12.18
C PRO B 142 34.25 -8.62 -12.93
N GLU B 143 34.31 -9.93 -13.21
CA GLU B 143 33.26 -10.60 -13.96
C GLU B 143 32.08 -11.02 -13.09
N MET B 144 31.98 -10.46 -11.89
CA MET B 144 30.88 -10.78 -10.98
C MET B 144 29.67 -9.89 -11.17
N MET B 145 29.86 -8.66 -11.65
CA MET B 145 28.77 -7.69 -11.75
C MET B 145 27.91 -8.01 -12.97
N CYS B 146 27.25 -9.17 -12.91
CA CYS B 146 26.34 -9.59 -13.96
C CYS B 146 25.31 -10.54 -13.37
N MET B 147 24.16 -10.62 -14.04
CA MET B 147 23.06 -11.44 -13.55
C MET B 147 23.11 -12.88 -14.04
N ALA B 148 24.07 -13.22 -14.90
CA ALA B 148 24.13 -14.55 -15.52
C ALA B 148 25.25 -15.42 -14.98
N PHE B 149 26.14 -14.89 -14.15
CA PHE B 149 27.25 -15.69 -13.65
C PHE B 149 26.77 -16.82 -12.75
N GLY B 150 25.56 -16.70 -12.20
CA GLY B 150 25.03 -17.71 -11.30
C GLY B 150 24.57 -18.97 -12.00
N SER B 151 24.22 -18.88 -13.28
CA SER B 151 23.82 -20.07 -14.02
C SER B 151 25.00 -20.96 -14.37
N LEU B 152 26.23 -20.50 -14.18
CA LEU B 152 27.42 -21.30 -14.41
C LEU B 152 28.13 -21.69 -13.12
N ILE B 153 27.45 -21.58 -11.99
CA ILE B 153 28.04 -22.04 -10.73
C ILE B 153 28.14 -23.57 -10.76
N PRO B 154 29.33 -24.13 -10.55
CA PRO B 154 29.50 -25.58 -10.69
C PRO B 154 28.78 -26.34 -9.59
N THR B 155 28.39 -27.59 -9.92
CA THR B 155 27.77 -28.50 -8.97
C THR B 155 28.41 -29.87 -8.94
N ALA B 156 29.21 -30.23 -9.95
CA ALA B 156 29.89 -31.51 -10.01
C ALA B 156 31.35 -31.29 -10.36
N GLY B 157 32.21 -32.16 -9.83
CA GLY B 157 33.64 -31.99 -10.01
C GLY B 157 34.29 -31.02 -9.06
N VAL B 158 33.57 -30.54 -8.06
CA VAL B 158 34.11 -29.59 -7.08
C VAL B 158 33.37 -29.81 -5.77
N SER B 159 34.05 -29.47 -4.67
CA SER B 159 33.49 -29.70 -3.35
C SER B 159 32.28 -28.81 -3.11
N GLU B 160 31.36 -29.30 -2.26
CA GLU B 160 30.16 -28.54 -1.93
C GLU B 160 30.50 -27.27 -1.17
N ALA B 161 31.53 -27.30 -0.33
CA ALA B 161 31.95 -26.11 0.39
C ALA B 161 32.42 -25.03 -0.57
N THR B 162 33.11 -25.42 -1.64
CA THR B 162 33.53 -24.45 -2.65
C THR B 162 32.31 -23.83 -3.34
N THR B 163 31.28 -24.63 -3.62
CA THR B 163 30.08 -24.11 -4.25
C THR B 163 29.39 -23.08 -3.35
N LYS B 164 29.33 -23.36 -2.05
CA LYS B 164 28.69 -22.42 -1.14
C LYS B 164 29.45 -21.10 -1.10
N THR B 165 30.78 -21.14 -1.11
CA THR B 165 31.56 -19.91 -1.16
C THR B 165 31.29 -19.15 -2.45
N LEU B 166 31.24 -19.85 -3.58
CA LEU B 166 30.88 -19.21 -4.84
C LEU B 166 29.45 -18.70 -4.81
N MET B 167 28.54 -19.48 -4.21
CA MET B 167 27.17 -19.02 -4.05
C MET B 167 27.11 -17.79 -3.15
N GLU B 168 27.87 -17.80 -2.06
CA GLU B 168 27.89 -16.65 -1.16
C GLU B 168 28.53 -15.43 -1.80
N ALA B 169 29.69 -15.60 -2.44
CA ALA B 169 30.35 -14.47 -3.09
C ALA B 169 29.46 -13.90 -4.18
N TYR B 170 28.71 -14.75 -4.86
CA TYR B 170 27.68 -14.27 -5.78
C TYR B 170 26.52 -13.64 -5.04
N SER B 171 26.22 -14.10 -3.82
CA SER B 171 25.08 -13.55 -3.10
C SER B 171 25.33 -12.11 -2.67
N LEU B 172 26.60 -11.71 -2.56
CA LEU B 172 26.92 -10.36 -2.14
C LEU B 172 26.46 -9.32 -3.17
N TRP B 173 26.58 -9.64 -4.46
CA TRP B 173 26.35 -8.64 -5.50
C TRP B 173 24.89 -8.18 -5.51
N GLN B 174 23.95 -9.13 -5.48
CA GLN B 174 22.54 -8.75 -5.36
C GLN B 174 22.26 -8.05 -4.03
N ASP B 175 22.93 -8.47 -2.96
CA ASP B 175 22.78 -7.75 -1.70
C ASP B 175 23.14 -6.28 -1.89
N ALA B 176 24.11 -5.99 -2.75
CA ALA B 176 24.32 -4.60 -3.18
C ALA B 176 23.36 -4.21 -4.29
N PHE B 177 22.95 -5.16 -5.14
CA PHE B 177 22.14 -4.84 -6.31
C PHE B 177 20.68 -4.61 -5.94
N THR B 178 20.02 -5.62 -5.37
CA THR B 178 18.58 -5.49 -5.10
C THR B 178 18.32 -4.45 -4.02
N LYS B 179 19.28 -4.23 -3.12
CA LYS B 179 19.13 -3.15 -2.14
C LYS B 179 19.12 -1.79 -2.81
N THR B 180 20.04 -1.57 -3.77
CA THR B 180 20.12 -0.29 -4.44
C THR B 180 19.01 -0.12 -5.48
N ILE B 181 18.64 -1.20 -6.17
CA ILE B 181 17.72 -1.09 -7.30
C ILE B 181 16.25 -1.15 -6.87
N ASN B 182 15.96 -1.62 -5.66
CA ASN B 182 14.59 -1.73 -5.18
C ASN B 182 14.43 -0.85 -3.95
N VAL B 183 13.52 0.12 -4.03
CA VAL B 183 13.24 0.98 -2.87
C VAL B 183 12.54 0.19 -1.77
N LYS B 184 11.68 -0.77 -2.14
CA LYS B 184 11.01 -1.59 -1.14
C LYS B 184 12.01 -2.44 -0.37
N MET B 185 13.00 -3.01 -1.06
CA MET B 185 13.99 -3.86 -0.41
C MET B 185 15.01 -3.06 0.40
N ARG B 186 15.02 -1.73 0.27
CA ARG B 186 15.93 -0.91 1.05
C ARG B 186 15.56 -0.98 2.54
N GLY B 187 16.58 -1.11 3.38
CA GLY B 187 16.36 -1.21 4.81
C GLY B 187 15.66 -2.50 5.22
N ALA B 188 15.99 -3.61 4.57
CA ALA B 188 15.40 -4.91 4.85
C ALA B 188 16.39 -5.78 5.62
N SER B 189 15.84 -6.73 6.38
CA SER B 189 16.68 -7.63 7.15
C SER B 189 17.44 -8.59 6.24
N LYS B 190 18.55 -9.11 6.76
CA LYS B 190 19.41 -9.98 5.96
C LYS B 190 18.72 -11.28 5.56
N THR B 191 17.82 -11.78 6.40
CA THR B 191 17.18 -13.05 6.10
C THR B 191 16.13 -12.92 4.99
N GLU B 192 15.37 -11.81 4.98
CA GLU B 192 14.33 -11.65 3.97
C GLU B 192 14.90 -11.20 2.63
N VAL B 193 15.99 -10.43 2.63
CA VAL B 193 16.61 -10.05 1.37
C VAL B 193 17.25 -11.26 0.70
N TYR B 194 17.73 -12.22 1.49
CA TYR B 194 18.29 -13.44 0.92
C TYR B 194 17.23 -14.26 0.20
N ASN B 195 16.02 -14.31 0.77
CA ASN B 195 14.95 -15.11 0.18
C ASN B 195 14.41 -14.49 -1.11
N SER B 196 14.61 -13.19 -1.33
CA SER B 196 14.11 -12.54 -2.53
C SER B 196 14.77 -13.11 -3.78
N PHE B 197 16.08 -13.33 -3.73
CA PHE B 197 16.83 -13.86 -4.86
C PHE B 197 17.25 -15.32 -4.64
N ARG B 198 16.81 -15.95 -3.55
CA ARG B 198 17.16 -17.34 -3.31
C ARG B 198 16.56 -18.26 -4.36
N ASP B 199 15.26 -18.11 -4.62
CA ASP B 199 14.56 -19.02 -5.54
C ASP B 199 15.11 -18.96 -6.96
N PRO B 200 15.29 -17.79 -7.59
CA PRO B 200 15.92 -17.80 -8.92
C PRO B 200 17.34 -18.34 -8.92
N LEU B 201 18.06 -18.20 -7.81
CA LEU B 201 19.46 -18.63 -7.77
C LEU B 201 19.57 -20.15 -7.85
N HIS B 202 18.77 -20.87 -7.05
CA HIS B 202 18.88 -22.33 -7.03
C HIS B 202 18.52 -22.93 -8.38
N ALA B 203 17.48 -22.40 -9.03
CA ALA B 203 17.09 -22.92 -10.34
C ALA B 203 18.20 -22.72 -11.36
N ALA B 204 18.85 -21.55 -11.36
CA ALA B 204 19.93 -21.29 -12.30
C ALA B 204 21.12 -22.21 -12.04
N VAL B 205 21.48 -22.41 -10.77
CA VAL B 205 22.62 -23.26 -10.44
C VAL B 205 22.33 -24.72 -10.78
N ASN B 206 21.11 -25.18 -10.49
CA ASN B 206 20.76 -26.57 -10.74
C ASN B 206 20.35 -26.85 -12.17
N SER B 207 20.35 -25.84 -13.04
CA SER B 207 19.98 -26.05 -14.43
C SER B 207 20.99 -26.96 -15.12
N VAL B 208 20.49 -27.82 -16.00
CA VAL B 208 21.32 -28.78 -16.71
C VAL B 208 21.71 -28.26 -18.10
N PHE B 209 21.58 -26.95 -18.33
CA PHE B 209 21.89 -26.40 -19.64
C PHE B 209 23.38 -26.52 -19.96
N PHE B 210 24.24 -26.13 -19.02
CA PHE B 210 25.67 -26.07 -19.27
C PHE B 210 26.34 -27.35 -18.82
N PRO B 211 27.03 -28.06 -19.71
CA PRO B 211 27.88 -29.17 -19.26
C PRO B 211 28.97 -28.65 -18.31
N ASN B 212 29.27 -29.44 -17.29
CA ASN B 212 30.21 -29.01 -16.27
C ASN B 212 31.66 -29.11 -16.71
N ASP B 213 31.96 -29.87 -17.76
CA ASP B 213 33.33 -29.98 -18.24
C ASP B 213 33.85 -28.63 -18.75
N VAL B 214 33.02 -27.92 -19.51
CA VAL B 214 33.40 -26.60 -19.98
C VAL B 214 33.08 -25.53 -18.95
N ARG B 215 32.19 -25.81 -18.01
CA ARG B 215 31.86 -24.84 -16.96
C ARG B 215 33.09 -24.52 -16.12
N VAL B 216 33.82 -25.54 -15.69
CA VAL B 216 35.02 -25.32 -14.89
C VAL B 216 36.13 -24.74 -15.74
N LYS B 217 36.26 -25.19 -16.99
CA LYS B 217 37.35 -24.73 -17.86
C LYS B 217 37.26 -23.23 -18.09
N TRP B 218 36.07 -22.72 -18.39
CA TRP B 218 35.89 -21.28 -18.48
C TRP B 218 36.11 -20.61 -17.13
N LEU B 219 35.59 -21.23 -16.06
CA LEU B 219 35.76 -20.67 -14.73
C LEU B 219 37.23 -20.63 -14.32
N LYS B 220 37.98 -21.68 -14.69
CA LYS B 220 39.41 -21.69 -14.42
C LYS B 220 40.14 -20.58 -15.17
N ALA B 221 39.72 -20.32 -16.41
CA ALA B 221 40.41 -19.35 -17.25
C ALA B 221 40.31 -17.93 -16.71
N LYS B 222 39.31 -17.63 -15.87
CA LYS B 222 39.14 -16.28 -15.36
C LYS B 222 40.02 -15.98 -14.15
N GLY B 223 40.68 -16.99 -13.59
CA GLY B 223 41.71 -16.79 -12.59
C GLY B 223 41.22 -16.56 -11.17
N ILE B 224 39.90 -16.58 -10.92
CA ILE B 224 39.41 -16.42 -9.56
C ILE B 224 39.43 -17.73 -8.78
N LEU B 225 39.91 -18.82 -9.38
CA LEU B 225 40.25 -20.03 -8.64
C LEU B 225 41.48 -20.65 -9.29
N GLY B 226 42.35 -21.20 -8.45
CA GLY B 226 43.60 -21.75 -8.92
C GLY B 226 43.43 -23.04 -9.70
N PRO B 227 44.49 -23.46 -10.39
CA PRO B 227 44.42 -24.74 -11.13
C PRO B 227 44.18 -25.93 -10.23
N ASP B 228 44.48 -25.82 -8.94
CA ASP B 228 44.20 -26.90 -7.99
C ASP B 228 42.70 -27.05 -7.70
N GLY B 229 41.88 -26.08 -8.09
CA GLY B 229 40.45 -26.17 -7.91
C GLY B 229 39.88 -25.47 -6.69
N VAL B 230 40.67 -24.65 -6.00
CA VAL B 230 40.17 -23.93 -4.84
C VAL B 230 40.01 -22.46 -5.20
N PRO B 231 39.02 -21.76 -4.62
CA PRO B 231 38.80 -20.35 -4.98
C PRO B 231 39.97 -19.48 -4.57
N SER B 232 40.18 -18.41 -5.33
CA SER B 232 41.24 -17.46 -5.01
C SER B 232 40.87 -16.63 -3.79
N ARG B 233 41.82 -15.83 -3.32
CA ARG B 233 41.64 -15.04 -2.12
C ARG B 233 40.50 -14.03 -2.24
N ALA B 234 40.15 -13.63 -3.46
CA ALA B 234 39.06 -12.68 -3.64
C ALA B 234 37.72 -13.28 -3.20
N ALA B 235 37.55 -14.59 -3.34
CA ALA B 235 36.31 -15.22 -2.92
C ALA B 235 36.20 -15.29 -1.40
N GLU B 236 37.28 -15.69 -0.73
CA GLU B 236 37.22 -15.88 0.72
C GLU B 236 37.14 -14.55 1.47
N VAL B 237 37.77 -13.49 0.94
CA VAL B 237 37.64 -12.19 1.58
C VAL B 237 36.20 -11.69 1.51
N ALA B 238 35.50 -12.02 0.42
CA ALA B 238 34.07 -11.70 0.34
C ALA B 238 33.27 -12.53 1.32
N ALA B 239 33.73 -13.74 1.64
CA ALA B 239 33.01 -14.59 2.58
C ALA B 239 32.92 -13.95 3.95
N ALA B 240 34.02 -13.36 4.43
CA ALA B 240 34.00 -12.67 5.71
C ALA B 240 33.07 -11.47 5.68
N ALA B 241 33.03 -10.76 4.55
CA ALA B 241 32.19 -9.57 4.45
C ALA B 241 30.71 -9.92 4.52
N TYR B 242 30.31 -11.01 3.87
CA TYR B 242 28.89 -11.34 3.80
C TYR B 242 28.36 -11.87 5.13
N ARG B 243 29.16 -12.69 5.83
CA ARG B 243 28.67 -13.34 7.04
C ARG B 243 28.37 -12.34 8.14
N ASN B 244 29.19 -11.30 8.28
CA ASN B 244 28.94 -10.26 9.27
C ASN B 244 28.15 -9.10 8.67
N LEU B 245 27.01 -9.43 8.06
CA LEU B 245 26.13 -8.45 7.42
C LEU B 245 26.87 -7.60 6.39
N MET C 1 -44.49 11.42 17.79
CA MET C 1 -44.14 12.36 16.73
C MET C 1 -44.77 11.97 15.38
N SER C 2 -44.03 12.10 14.29
CA SER C 2 -44.57 11.91 12.95
C SER C 2 -44.81 10.42 12.70
N GLU C 3 -45.14 10.08 11.44
CA GLU C 3 -45.56 8.73 11.10
C GLU C 3 -44.46 7.70 11.33
N TRP C 4 -43.20 8.12 11.30
CA TRP C 4 -42.11 7.16 11.37
C TRP C 4 -41.97 6.53 12.75
N SER C 5 -42.28 7.29 13.80
CA SER C 5 -42.32 6.69 15.14
C SER C 5 -43.46 5.68 15.24
N ARG C 6 -44.62 6.00 14.68
CA ARG C 6 -45.75 5.09 14.72
C ARG C 6 -45.48 3.83 13.90
N ILE C 7 -44.83 3.99 12.74
CA ILE C 7 -44.58 2.85 11.87
C ILE C 7 -43.69 1.82 12.57
N ALA C 8 -42.64 2.29 13.24
CA ALA C 8 -41.76 1.38 13.97
C ALA C 8 -42.51 0.65 15.08
N VAL C 9 -43.39 1.37 15.78
CA VAL C 9 -44.14 0.75 16.88
C VAL C 9 -45.13 -0.27 16.35
N GLU C 10 -45.90 0.10 15.32
CA GLU C 10 -46.97 -0.78 14.85
C GLU C 10 -46.42 -2.03 14.19
N PHE C 11 -45.29 -1.91 13.47
CA PHE C 11 -44.70 -3.07 12.82
C PHE C 11 -44.27 -4.12 13.83
N GLY C 12 -43.67 -3.69 14.93
CA GLY C 12 -43.28 -4.63 15.97
C GLY C 12 -44.46 -5.18 16.76
N GLU C 13 -45.58 -4.47 16.74
CA GLU C 13 -46.79 -4.96 17.40
C GLU C 13 -47.54 -5.99 16.57
N GLN C 14 -47.19 -6.15 15.30
CA GLN C 14 -47.87 -7.12 14.45
C GLN C 14 -47.54 -8.54 14.87
N GLN C 15 -48.47 -9.45 14.61
CA GLN C 15 -48.27 -10.87 14.92
C GLN C 15 -47.49 -11.53 13.80
N LEU C 16 -46.28 -11.98 14.10
CA LEU C 16 -45.45 -12.64 13.11
C LEU C 16 -46.00 -14.03 12.78
N ASN C 17 -45.69 -14.50 11.58
CA ASN C 17 -46.10 -15.82 11.13
C ASN C 17 -44.93 -16.78 11.33
N LEU C 18 -45.14 -17.81 12.15
CA LEU C 18 -44.05 -18.72 12.50
C LEU C 18 -43.53 -19.46 11.26
N THR C 19 -44.44 -19.94 10.42
CA THR C 19 -44.02 -20.72 9.25
C THR C 19 -43.42 -19.83 8.17
N GLU C 20 -43.85 -18.57 8.09
CA GLU C 20 -43.30 -17.67 7.08
C GLU C 20 -41.86 -17.29 7.39
N LEU C 21 -41.59 -16.92 8.64
CA LEU C 21 -40.22 -16.61 9.04
C LEU C 21 -39.33 -17.85 9.00
N GLU C 22 -39.89 -19.00 9.38
CA GLU C 22 -39.12 -20.25 9.32
C GLU C 22 -38.79 -20.64 7.88
N ASP C 23 -39.70 -20.35 6.94
CA ASP C 23 -39.42 -20.63 5.53
C ASP C 23 -38.26 -19.80 5.02
N PHE C 24 -38.22 -18.51 5.39
CA PHE C 24 -37.14 -17.64 4.93
C PHE C 24 -35.80 -18.09 5.48
N ALA C 25 -35.76 -18.51 6.75
CA ALA C 25 -34.50 -18.89 7.37
C ALA C 25 -33.87 -20.10 6.67
N ARG C 26 -34.68 -21.11 6.36
CA ARG C 26 -34.16 -22.27 5.65
C ARG C 26 -33.69 -21.90 4.25
N GLU C 27 -34.43 -21.02 3.57
CA GLU C 27 -34.04 -20.62 2.22
C GLU C 27 -32.71 -19.87 2.24
N LEU C 28 -32.51 -19.01 3.25
CA LEU C 28 -31.29 -18.21 3.33
C LEU C 28 -30.13 -18.95 3.97
N ALA C 29 -30.35 -20.14 4.54
CA ALA C 29 -29.23 -20.95 4.98
C ALA C 29 -28.48 -21.50 3.77
N TYR C 30 -27.16 -21.55 3.87
CA TYR C 30 -26.34 -21.94 2.73
C TYR C 30 -25.30 -22.97 3.14
N GLU C 31 -24.84 -23.72 2.14
CA GLU C 31 -23.73 -24.64 2.27
C GLU C 31 -22.65 -24.24 1.27
N GLY C 32 -21.39 -24.31 1.69
CA GLY C 32 -20.31 -23.86 0.83
C GLY C 32 -20.24 -24.63 -0.48
N LEU C 33 -20.35 -25.96 -0.40
CA LEU C 33 -20.38 -26.79 -1.60
C LEU C 33 -20.91 -28.16 -1.23
N ASP C 34 -21.94 -28.60 -1.92
CA ASP C 34 -22.39 -29.99 -1.81
C ASP C 34 -21.69 -30.82 -2.86
N PRO C 35 -20.88 -31.80 -2.48
CA PRO C 35 -20.13 -32.58 -3.49
C PRO C 35 -21.02 -33.33 -4.45
N ALA C 36 -22.30 -33.54 -4.12
CA ALA C 36 -23.23 -34.10 -5.10
C ALA C 36 -23.40 -33.15 -6.28
N LEU C 37 -23.45 -31.84 -6.01
CA LEU C 37 -23.61 -30.87 -7.08
C LEU C 37 -22.39 -30.83 -7.99
N ILE C 38 -21.19 -30.89 -7.42
CA ILE C 38 -19.98 -30.78 -8.24
C ILE C 38 -19.82 -32.01 -9.13
N ILE C 39 -20.22 -33.19 -8.65
CA ILE C 39 -20.17 -34.39 -9.49
C ILE C 39 -21.21 -34.32 -10.59
N LYS C 40 -22.33 -33.64 -10.34
CA LYS C 40 -23.38 -33.52 -11.34
C LYS C 40 -22.85 -32.90 -12.62
N LYS C 41 -22.13 -31.77 -12.50
CA LYS C 41 -21.56 -31.14 -13.69
C LYS C 41 -20.48 -32.01 -14.33
N LEU C 42 -19.64 -32.64 -13.51
CA LEU C 42 -18.53 -33.42 -14.04
C LEU C 42 -19.03 -34.65 -14.78
N LYS C 43 -19.96 -35.40 -14.18
CA LYS C 43 -20.39 -36.66 -14.76
C LYS C 43 -21.33 -36.48 -15.94
N GLU C 44 -22.16 -35.42 -15.94
CA GLU C 44 -23.16 -35.26 -16.99
C GLU C 44 -22.50 -34.95 -18.33
N THR C 45 -21.57 -33.99 -18.35
CA THR C 45 -20.94 -33.60 -19.60
C THR C 45 -19.90 -34.61 -20.08
N GLY C 46 -19.47 -35.52 -19.22
CA GLY C 46 -18.53 -36.55 -19.63
C GLY C 46 -19.17 -37.91 -19.75
N GLY C 47 -19.31 -38.41 -20.98
CA GLY C 47 -19.91 -39.70 -21.21
C GLY C 47 -19.08 -40.86 -20.70
N ASP C 48 -17.88 -41.02 -21.26
CA ASP C 48 -16.96 -42.07 -20.83
C ASP C 48 -15.56 -41.58 -20.56
N ASP C 49 -15.15 -40.44 -21.11
CA ASP C 49 -13.84 -39.88 -20.86
C ASP C 49 -13.77 -39.09 -19.55
N TRP C 50 -14.89 -38.97 -18.84
CA TRP C 50 -14.90 -38.20 -17.59
C TRP C 50 -13.99 -38.82 -16.54
N VAL C 51 -13.83 -40.14 -16.55
CA VAL C 51 -12.94 -40.78 -15.59
C VAL C 51 -11.50 -40.37 -15.83
N LYS C 52 -11.08 -40.28 -17.09
CA LYS C 52 -9.73 -39.81 -17.39
C LYS C 52 -9.62 -38.30 -17.21
N ASP C 53 -10.65 -37.56 -17.61
CA ASP C 53 -10.61 -36.11 -17.49
C ASP C 53 -10.60 -35.66 -16.03
N THR C 54 -11.42 -36.32 -15.19
CA THR C 54 -11.37 -36.01 -13.76
C THR C 54 -10.01 -36.37 -13.18
N LYS C 55 -9.43 -37.48 -13.61
CA LYS C 55 -8.08 -37.83 -13.20
C LYS C 55 -7.05 -36.81 -13.68
N PHE C 56 -7.40 -35.99 -14.67
CA PHE C 56 -6.49 -34.94 -15.12
C PHE C 56 -6.60 -33.70 -14.24
N ILE C 57 -7.81 -33.26 -13.93
CA ILE C 57 -8.00 -32.07 -13.11
C ILE C 57 -7.58 -32.33 -11.67
N ILE C 58 -7.75 -33.58 -11.19
CA ILE C 58 -7.63 -33.86 -9.77
C ILE C 58 -6.21 -33.57 -9.27
N VAL C 59 -5.20 -34.01 -10.03
CA VAL C 59 -3.82 -33.85 -9.59
C VAL C 59 -3.25 -32.49 -9.93
N PHE C 60 -3.90 -31.75 -10.83
CA PHE C 60 -3.41 -30.41 -11.16
C PHE C 60 -3.61 -29.44 -10.00
N ALA C 61 -4.72 -29.57 -9.27
CA ALA C 61 -4.88 -28.80 -8.05
C ALA C 61 -4.01 -29.35 -6.93
N LEU C 62 -3.74 -30.65 -6.96
CA LEU C 62 -2.93 -31.30 -5.94
C LEU C 62 -1.43 -31.02 -6.11
N THR C 63 -1.01 -30.54 -7.28
CA THR C 63 0.41 -30.34 -7.56
C THR C 63 0.79 -28.92 -7.94
N ARG C 64 -0.12 -28.14 -8.54
CA ARG C 64 0.27 -26.81 -9.02
C ARG C 64 -0.59 -25.66 -8.50
N GLY C 65 -1.86 -25.88 -8.18
CA GLY C 65 -2.69 -24.82 -7.64
C GLY C 65 -3.93 -24.56 -8.48
N ASN C 66 -4.69 -23.57 -8.03
CA ASN C 66 -6.00 -23.26 -8.56
C ASN C 66 -5.99 -22.17 -9.62
N LYS C 67 -4.84 -21.91 -10.26
CA LYS C 67 -4.73 -20.89 -11.28
C LYS C 67 -4.49 -21.58 -12.62
N ILE C 68 -5.48 -21.48 -13.52
CA ILE C 68 -5.37 -22.09 -14.83
C ILE C 68 -4.38 -21.32 -15.70
N VAL C 69 -4.55 -20.00 -15.77
CA VAL C 69 -3.74 -19.19 -16.68
C VAL C 69 -2.30 -19.10 -16.20
N LYS C 70 -2.11 -18.86 -14.90
CA LYS C 70 -0.76 -18.71 -14.37
C LYS C 70 0.05 -19.99 -14.54
N ALA C 71 -0.59 -21.15 -14.36
CA ALA C 71 0.11 -22.42 -14.54
C ALA C 71 0.37 -22.70 -16.01
N SER C 72 -0.61 -22.41 -16.87
CA SER C 72 -0.53 -22.83 -18.27
C SER C 72 0.68 -22.24 -18.98
N GLY C 73 1.11 -21.05 -18.58
CA GLY C 73 2.26 -20.43 -19.21
C GLY C 73 3.60 -20.89 -18.70
N LYS C 74 3.61 -21.79 -17.71
CA LYS C 74 4.85 -22.25 -17.10
C LYS C 74 4.85 -23.77 -16.94
N MET C 75 4.43 -24.49 -17.96
CA MET C 75 4.45 -25.95 -17.93
C MET C 75 4.51 -26.47 -19.36
N SER C 76 4.51 -27.79 -19.50
CA SER C 76 4.83 -28.43 -20.77
C SER C 76 3.80 -28.07 -21.84
N ASN C 77 4.28 -27.97 -23.08
CA ASN C 77 3.38 -27.69 -24.20
C ASN C 77 2.49 -28.88 -24.52
N SER C 78 2.99 -30.11 -24.33
CA SER C 78 2.18 -31.29 -24.56
C SER C 78 0.99 -31.33 -23.62
N GLY C 79 1.20 -31.01 -22.34
CA GLY C 79 0.11 -30.97 -21.38
C GLY C 79 -0.74 -29.72 -21.49
N SER C 80 -0.18 -28.63 -22.00
CA SER C 80 -0.95 -27.38 -22.10
C SER C 80 -2.11 -27.54 -23.08
N LYS C 81 -1.89 -28.25 -24.19
CA LYS C 81 -2.95 -28.42 -25.17
C LYS C 81 -4.14 -29.15 -24.58
N ARG C 82 -3.90 -30.20 -23.81
CA ARG C 82 -5.00 -30.94 -23.19
C ARG C 82 -5.62 -30.14 -22.04
N LEU C 83 -4.78 -29.56 -21.19
CA LEU C 83 -5.30 -28.85 -20.02
C LEU C 83 -6.17 -27.66 -20.42
N MET C 84 -5.75 -26.92 -21.45
CA MET C 84 -6.59 -25.82 -21.94
C MET C 84 -7.94 -26.31 -22.42
N ALA C 85 -7.99 -27.52 -23.02
CA ALA C 85 -9.26 -28.08 -23.43
C ALA C 85 -10.14 -28.41 -22.23
N LEU C 86 -9.53 -28.90 -21.15
CA LEU C 86 -10.30 -29.25 -19.96
C LEU C 86 -10.99 -28.04 -19.35
N GLN C 87 -10.29 -26.90 -19.30
CA GLN C 87 -10.92 -25.69 -18.77
C GLN C 87 -12.11 -25.26 -19.62
N GLU C 88 -11.95 -25.32 -20.95
CA GLU C 88 -13.05 -24.96 -21.84
C GLU C 88 -14.18 -25.98 -21.78
N LYS C 89 -13.84 -27.25 -21.52
CA LYS C 89 -14.87 -28.30 -21.47
C LYS C 89 -15.77 -28.11 -20.26
N TYR C 90 -15.20 -27.75 -19.11
CA TYR C 90 -15.95 -27.62 -17.87
C TYR C 90 -16.23 -26.18 -17.47
N GLY C 91 -15.68 -25.20 -18.19
CA GLY C 91 -15.83 -23.82 -17.77
C GLY C 91 -15.15 -23.53 -16.44
N LEU C 92 -13.93 -24.04 -16.25
CA LEU C 92 -13.23 -23.88 -15.00
C LEU C 92 -12.86 -22.43 -14.77
N VAL C 93 -13.35 -21.85 -13.69
CA VAL C 93 -13.02 -20.48 -13.32
C VAL C 93 -11.80 -20.51 -12.41
N GLU C 94 -11.01 -19.42 -12.44
CA GLU C 94 -9.82 -19.36 -11.60
C GLU C 94 -10.18 -19.22 -10.13
N ARG C 95 -11.12 -18.33 -9.81
CA ARG C 95 -11.50 -18.04 -8.43
C ARG C 95 -12.93 -18.50 -8.20
N ALA C 96 -13.14 -19.20 -7.08
CA ALA C 96 -14.46 -19.71 -6.72
C ALA C 96 -15.19 -18.62 -5.92
N GLU C 97 -16.19 -18.00 -6.55
CA GLU C 97 -16.98 -16.95 -5.90
C GLU C 97 -18.40 -17.39 -5.57
N THR C 98 -18.94 -18.37 -6.28
CA THR C 98 -20.29 -18.87 -6.03
C THR C 98 -20.23 -20.36 -5.74
N ARG C 99 -21.33 -20.88 -5.19
CA ARG C 99 -21.41 -22.31 -4.96
C ARG C 99 -21.45 -23.09 -6.26
N LEU C 100 -21.94 -22.48 -7.34
CA LEU C 100 -21.93 -23.11 -8.65
C LEU C 100 -20.57 -22.98 -9.35
N SER C 101 -19.72 -22.08 -8.86
CA SER C 101 -18.39 -21.93 -9.47
C SER C 101 -17.58 -23.20 -9.27
N ILE C 102 -16.88 -23.61 -10.32
CA ILE C 102 -16.14 -24.86 -10.33
C ILE C 102 -14.66 -24.54 -10.50
N THR C 103 -13.86 -24.96 -9.52
CA THR C 103 -12.41 -24.80 -9.58
C THR C 103 -11.77 -26.15 -9.26
N PRO C 104 -10.54 -26.37 -9.75
CA PRO C 104 -9.90 -27.67 -9.50
C PRO C 104 -9.74 -28.02 -8.04
N VAL C 105 -9.60 -27.03 -7.15
CA VAL C 105 -9.49 -27.33 -5.73
C VAL C 105 -10.80 -27.90 -5.20
N ARG C 106 -11.94 -27.43 -5.72
CA ARG C 106 -13.22 -27.98 -5.29
C ARG C 106 -13.33 -29.45 -5.66
N VAL C 107 -12.89 -29.80 -6.88
CA VAL C 107 -12.87 -31.20 -7.29
C VAL C 107 -11.88 -31.99 -6.46
N ALA C 108 -10.78 -31.35 -6.04
CA ALA C 108 -9.75 -32.04 -5.26
C ALA C 108 -10.30 -32.48 -3.91
N GLN C 109 -11.06 -31.62 -3.25
CA GLN C 109 -11.62 -31.92 -1.94
C GLN C 109 -13.04 -32.50 -2.03
N SER C 110 -13.56 -32.71 -3.23
CA SER C 110 -14.84 -33.39 -3.39
C SER C 110 -14.70 -34.90 -3.53
N LEU C 111 -13.47 -35.40 -3.66
CA LEU C 111 -13.19 -36.84 -3.73
C LEU C 111 -12.10 -37.15 -2.72
N PRO C 112 -12.42 -37.09 -1.42
CA PRO C 112 -11.36 -37.12 -0.41
C PRO C 112 -10.50 -38.37 -0.43
N THR C 113 -11.08 -39.54 -0.72
CA THR C 113 -10.29 -40.77 -0.68
C THR C 113 -9.28 -40.82 -1.81
N TRP C 114 -9.69 -40.50 -3.04
CA TRP C 114 -8.77 -40.65 -4.16
C TRP C 114 -7.73 -39.54 -4.17
N THR C 115 -8.11 -38.33 -3.75
CA THR C 115 -7.18 -37.20 -3.80
C THR C 115 -5.98 -37.44 -2.91
N CYS C 116 -6.23 -37.79 -1.65
CA CYS C 116 -5.13 -37.95 -0.70
C CYS C 116 -4.40 -39.26 -0.88
N ALA C 117 -5.02 -40.25 -1.52
CA ALA C 117 -4.29 -41.44 -1.93
C ALA C 117 -3.28 -41.11 -3.03
N ALA C 118 -3.66 -40.22 -3.96
CA ALA C 118 -2.76 -39.82 -5.02
C ALA C 118 -1.57 -39.04 -4.47
N ALA C 119 -1.80 -38.20 -3.47
CA ALA C 119 -0.70 -37.45 -2.88
C ALA C 119 0.31 -38.37 -2.20
N ALA C 120 -0.15 -39.52 -1.70
CA ALA C 120 0.75 -40.47 -1.06
C ALA C 120 1.77 -41.03 -2.06
N ALA C 121 1.33 -41.27 -3.30
CA ALA C 121 2.22 -41.82 -4.32
C ALA C 121 3.06 -40.75 -5.00
N LEU C 122 2.86 -39.47 -4.69
CA LEU C 122 3.56 -38.36 -5.31
C LEU C 122 4.15 -37.44 -4.26
N LYS C 123 4.83 -38.03 -3.27
CA LYS C 123 5.32 -37.26 -2.14
C LYS C 123 6.23 -36.11 -2.58
N GLU C 124 7.15 -36.40 -3.50
CA GLU C 124 8.12 -35.39 -3.93
C GLU C 124 7.51 -34.29 -4.78
N TYR C 125 6.25 -34.44 -5.20
CA TYR C 125 5.62 -33.49 -6.11
C TYR C 125 4.64 -32.55 -5.42
N LEU C 126 4.34 -32.76 -4.14
CA LEU C 126 3.47 -31.84 -3.42
C LEU C 126 4.13 -30.49 -3.26
N PRO C 127 3.35 -29.40 -3.19
CA PRO C 127 3.93 -28.10 -2.86
C PRO C 127 4.60 -28.08 -1.50
N VAL C 128 4.10 -28.87 -0.55
CA VAL C 128 4.74 -29.05 0.75
C VAL C 128 5.04 -30.54 0.86
N GLY C 129 6.24 -30.93 0.45
CA GLY C 129 6.64 -32.31 0.42
C GLY C 129 7.41 -32.71 1.67
N PRO C 130 7.83 -33.98 1.72
CA PRO C 130 8.61 -34.44 2.89
C PRO C 130 9.91 -33.69 3.07
N ALA C 131 10.54 -33.24 1.98
CA ALA C 131 11.84 -32.59 2.09
C ALA C 131 11.77 -31.31 2.90
N VAL C 132 10.71 -30.52 2.70
CA VAL C 132 10.57 -29.26 3.42
C VAL C 132 9.85 -29.44 4.76
N MET C 133 9.18 -30.58 4.97
CA MET C 133 8.37 -30.78 6.16
C MET C 133 8.94 -31.80 7.13
N ASN C 134 9.92 -32.61 6.71
CA ASN C 134 10.53 -33.56 7.64
C ASN C 134 11.26 -32.86 8.78
N LEU C 135 11.64 -31.59 8.61
CA LEU C 135 12.32 -30.85 9.67
C LEU C 135 11.41 -30.51 10.84
N LYS C 136 10.10 -30.75 10.70
CA LYS C 136 9.16 -30.47 11.78
C LYS C 136 8.75 -31.71 12.55
N VAL C 137 8.49 -32.82 11.87
CA VAL C 137 8.13 -34.09 12.51
C VAL C 137 8.73 -35.22 11.69
N GLU C 138 9.09 -36.30 12.38
CA GLU C 138 9.62 -37.49 11.75
C GLU C 138 8.49 -38.45 11.39
N ASN C 139 8.61 -39.06 10.20
CA ASN C 139 7.70 -40.12 9.76
C ASN C 139 6.25 -39.63 9.73
N TYR C 140 6.01 -38.52 9.06
CA TYR C 140 4.66 -38.09 8.80
C TYR C 140 4.05 -38.96 7.70
N PRO C 141 2.85 -39.49 7.89
CA PRO C 141 2.24 -40.35 6.87
C PRO C 141 1.98 -39.57 5.59
N PRO C 142 2.37 -40.13 4.44
CA PRO C 142 2.14 -39.42 3.17
C PRO C 142 0.68 -39.13 2.89
N GLU C 143 -0.24 -39.96 3.37
CA GLU C 143 -1.66 -39.80 3.03
C GLU C 143 -2.24 -38.50 3.56
N MET C 144 -1.66 -37.93 4.61
CA MET C 144 -2.12 -36.65 5.13
C MET C 144 -1.49 -35.46 4.43
N MET C 145 -0.53 -35.67 3.55
CA MET C 145 0.13 -34.59 2.83
C MET C 145 -0.72 -34.17 1.63
N CYS C 146 -1.90 -33.63 1.94
CA CYS C 146 -2.91 -33.30 0.96
C CYS C 146 -3.82 -32.23 1.55
N MET C 147 -4.55 -31.54 0.66
CA MET C 147 -5.48 -30.51 1.08
C MET C 147 -6.92 -31.01 1.11
N ALA C 148 -7.13 -32.32 1.00
CA ALA C 148 -8.48 -32.90 1.04
C ALA C 148 -8.70 -33.81 2.23
N PHE C 149 -7.68 -34.05 3.06
CA PHE C 149 -7.85 -34.89 4.24
C PHE C 149 -8.74 -34.26 5.30
N GLY C 150 -9.05 -32.96 5.17
CA GLY C 150 -9.90 -32.31 6.15
C GLY C 150 -11.28 -32.92 6.24
N SER C 151 -11.80 -33.44 5.13
CA SER C 151 -13.10 -34.10 5.10
C SER C 151 -13.01 -35.60 5.36
N LEU C 152 -11.82 -36.14 5.58
CA LEU C 152 -11.67 -37.56 5.86
C LEU C 152 -11.66 -37.88 7.34
N ILE C 153 -11.36 -36.91 8.21
CA ILE C 153 -11.42 -37.13 9.65
C ILE C 153 -12.88 -37.16 10.07
N PRO C 154 -13.33 -38.23 10.71
CA PRO C 154 -14.76 -38.43 10.92
C PRO C 154 -15.28 -37.78 12.20
N THR C 155 -16.61 -37.81 12.35
CA THR C 155 -17.29 -37.33 13.53
C THR C 155 -17.94 -38.45 14.33
N ALA C 156 -18.72 -39.31 13.67
CA ALA C 156 -19.40 -40.41 14.32
C ALA C 156 -18.64 -41.71 14.10
N GLY C 157 -18.77 -42.62 15.06
CA GLY C 157 -18.07 -43.88 15.03
C GLY C 157 -16.73 -43.89 15.73
N VAL C 158 -16.21 -42.73 16.11
CA VAL C 158 -14.94 -42.62 16.82
C VAL C 158 -15.13 -41.69 18.01
N SER C 159 -14.23 -41.82 18.99
CA SER C 159 -14.30 -41.02 20.19
C SER C 159 -13.88 -39.58 19.90
N GLU C 160 -14.23 -38.69 20.83
CA GLU C 160 -13.83 -37.29 20.68
C GLU C 160 -12.33 -37.11 20.87
N ALA C 161 -11.71 -37.95 21.70
CA ALA C 161 -10.27 -37.82 21.95
C ALA C 161 -9.46 -38.08 20.70
N THR C 162 -9.79 -39.15 19.96
CA THR C 162 -9.03 -39.47 18.75
C THR C 162 -9.33 -38.47 17.63
N THR C 163 -10.54 -37.92 17.59
CA THR C 163 -10.85 -36.92 16.56
C THR C 163 -10.03 -35.65 16.76
N LYS C 164 -9.87 -35.21 18.02
CA LYS C 164 -9.09 -34.01 18.29
C LYS C 164 -7.63 -34.19 17.89
N THR C 165 -7.06 -35.37 18.16
CA THR C 165 -5.69 -35.64 17.77
C THR C 165 -5.52 -35.59 16.26
N LEU C 166 -6.47 -36.17 15.52
CA LEU C 166 -6.41 -36.14 14.07
C LEU C 166 -6.56 -34.71 13.54
N MET C 167 -7.44 -33.92 14.16
CA MET C 167 -7.55 -32.52 13.79
C MET C 167 -6.25 -31.77 14.06
N GLU C 168 -5.63 -32.02 15.21
CA GLU C 168 -4.37 -31.38 15.53
C GLU C 168 -3.24 -31.87 14.63
N ALA C 169 -3.25 -33.17 14.30
CA ALA C 169 -2.24 -33.70 13.39
C ALA C 169 -2.34 -33.07 12.01
N TYR C 170 -3.57 -32.92 11.50
CA TYR C 170 -3.75 -32.23 10.23
C TYR C 170 -3.40 -30.76 10.34
N SER C 171 -3.72 -30.13 11.48
CA SER C 171 -3.49 -28.70 11.63
C SER C 171 -2.03 -28.35 11.45
N LEU C 172 -1.12 -29.26 11.79
CA LEU C 172 0.30 -29.02 11.59
C LEU C 172 0.64 -28.89 10.10
N TRP C 173 0.08 -29.77 9.27
CA TRP C 173 0.32 -29.66 7.83
C TRP C 173 -0.27 -28.37 7.29
N GLN C 174 -1.46 -27.99 7.76
CA GLN C 174 -2.06 -26.73 7.32
C GLN C 174 -1.22 -25.54 7.74
N ASP C 175 -0.60 -25.61 8.94
CA ASP C 175 0.26 -24.52 9.39
C ASP C 175 1.42 -24.31 8.43
N ALA C 176 2.08 -25.40 8.02
CA ALA C 176 3.12 -25.29 7.00
C ALA C 176 2.52 -24.87 5.66
N PHE C 177 1.36 -25.43 5.31
CA PHE C 177 0.75 -25.13 4.02
C PHE C 177 0.28 -23.69 3.95
N THR C 178 -0.48 -23.24 4.97
CA THR C 178 -1.04 -21.90 4.93
C THR C 178 0.05 -20.83 4.94
N LYS C 179 1.11 -21.05 5.73
CA LYS C 179 2.23 -20.13 5.73
C LYS C 179 2.91 -20.09 4.37
N THR C 180 3.03 -21.24 3.72
CA THR C 180 3.70 -21.29 2.42
C THR C 180 2.83 -20.68 1.32
N ILE C 181 1.51 -20.86 1.41
CA ILE C 181 0.65 -20.56 0.27
C ILE C 181 0.07 -19.15 0.33
N ASN C 182 -0.07 -18.57 1.51
CA ASN C 182 -0.69 -17.26 1.68
C ASN C 182 0.41 -16.21 1.86
N VAL C 183 0.56 -15.33 0.86
CA VAL C 183 1.65 -14.36 0.87
C VAL C 183 1.48 -13.37 2.02
N LYS C 184 0.25 -12.86 2.18
CA LYS C 184 -0.03 -11.86 3.22
C LYS C 184 0.03 -12.45 4.62
N MET C 185 0.14 -13.77 4.75
CA MET C 185 -0.05 -14.45 6.02
C MET C 185 1.23 -15.15 6.47
N ARG C 186 2.32 -15.05 5.69
CA ARG C 186 3.54 -15.80 5.98
C ARG C 186 4.08 -15.49 7.38
N GLY C 187 4.14 -14.20 7.74
CA GLY C 187 4.75 -13.82 9.00
C GLY C 187 3.77 -13.65 10.14
N ALA C 188 2.80 -14.55 10.24
CA ALA C 188 1.78 -14.47 11.27
C ALA C 188 2.12 -15.37 12.45
N SER C 189 1.42 -15.14 13.56
CA SER C 189 1.62 -15.89 14.78
C SER C 189 0.93 -17.25 14.71
N LYS C 190 1.27 -18.12 15.66
CA LYS C 190 0.70 -19.46 15.68
C LYS C 190 -0.80 -19.43 15.89
N THR C 191 -1.28 -18.61 16.84
CA THR C 191 -2.71 -18.53 17.09
C THR C 191 -3.46 -17.90 15.92
N GLU C 192 -2.77 -17.15 15.06
CA GLU C 192 -3.41 -16.63 13.85
C GLU C 192 -3.55 -17.72 12.79
N VAL C 193 -2.61 -18.67 12.74
CA VAL C 193 -2.68 -19.74 11.76
C VAL C 193 -3.92 -20.60 11.98
N TYR C 194 -4.18 -20.97 13.23
CA TYR C 194 -5.33 -21.81 13.53
C TYR C 194 -6.63 -21.11 13.16
N ASN C 195 -6.67 -19.78 13.25
CA ASN C 195 -7.88 -19.04 12.90
C ASN C 195 -8.09 -18.97 11.40
N SER C 196 -7.01 -19.05 10.61
CA SER C 196 -7.15 -18.93 9.16
C SER C 196 -7.94 -20.09 8.58
N PHE C 197 -7.69 -21.31 9.07
CA PHE C 197 -8.37 -22.50 8.59
C PHE C 197 -9.29 -23.11 9.64
N ARG C 198 -9.64 -22.35 10.69
CA ARG C 198 -10.56 -22.85 11.70
C ARG C 198 -11.90 -23.21 11.08
N ASP C 199 -12.59 -22.23 10.51
CA ASP C 199 -13.89 -22.49 9.89
C ASP C 199 -13.79 -23.45 8.70
N PRO C 200 -12.86 -23.29 7.74
CA PRO C 200 -12.81 -24.26 6.63
C PRO C 200 -12.59 -25.69 7.07
N LEU C 201 -11.77 -25.93 8.09
CA LEU C 201 -11.49 -27.30 8.52
C LEU C 201 -12.74 -27.95 9.11
N HIS C 202 -13.40 -27.28 10.05
CA HIS C 202 -14.60 -27.82 10.66
C HIS C 202 -15.74 -27.95 9.67
N ALA C 203 -15.72 -27.17 8.58
CA ALA C 203 -16.72 -27.35 7.53
C ALA C 203 -16.59 -28.71 6.87
N ALA C 204 -15.35 -29.13 6.57
CA ALA C 204 -15.14 -30.42 5.93
C ALA C 204 -15.47 -31.56 6.88
N VAL C 205 -15.14 -31.41 8.17
CA VAL C 205 -15.40 -32.47 9.13
C VAL C 205 -16.90 -32.68 9.30
N ASN C 206 -17.67 -31.60 9.34
CA ASN C 206 -19.11 -31.69 9.55
C ASN C 206 -19.89 -31.95 8.28
N SER C 207 -19.22 -32.06 7.13
CA SER C 207 -19.92 -32.32 5.88
C SER C 207 -20.59 -33.69 5.93
N VAL C 208 -21.82 -33.76 5.41
CA VAL C 208 -22.63 -34.97 5.49
C VAL C 208 -22.61 -35.77 4.20
N PHE C 209 -22.06 -35.22 3.11
CA PHE C 209 -22.05 -35.94 1.84
C PHE C 209 -21.27 -37.24 1.93
N PHE C 210 -20.09 -37.19 2.54
CA PHE C 210 -19.20 -38.34 2.54
C PHE C 210 -19.42 -39.12 3.83
N PRO C 211 -19.92 -40.35 3.76
CA PRO C 211 -20.43 -41.00 4.98
C PRO C 211 -19.35 -41.27 6.02
N ASN C 212 -19.79 -41.29 7.28
CA ASN C 212 -18.87 -41.52 8.39
C ASN C 212 -18.31 -42.93 8.39
N ASP C 213 -19.12 -43.91 8.00
CA ASP C 213 -18.71 -45.31 8.11
C ASP C 213 -17.48 -45.61 7.24
N VAL C 214 -17.45 -45.06 6.03
CA VAL C 214 -16.30 -45.31 5.16
C VAL C 214 -15.08 -44.54 5.64
N ARG C 215 -15.27 -43.45 6.38
CA ARG C 215 -14.14 -42.67 6.87
C ARG C 215 -13.24 -43.51 7.79
N VAL C 216 -13.85 -44.20 8.75
CA VAL C 216 -13.06 -45.03 9.65
C VAL C 216 -12.50 -46.25 8.92
N LYS C 217 -13.25 -46.80 7.97
CA LYS C 217 -12.77 -47.95 7.20
C LYS C 217 -11.59 -47.57 6.32
N TRP C 218 -11.63 -46.39 5.70
CA TRP C 218 -10.53 -45.95 4.87
C TRP C 218 -9.27 -45.68 5.71
N LEU C 219 -9.45 -45.12 6.90
CA LEU C 219 -8.30 -44.76 7.74
C LEU C 219 -7.54 -46.00 8.20
N LYS C 220 -8.26 -47.04 8.62
CA LYS C 220 -7.59 -48.25 9.09
C LYS C 220 -6.88 -48.98 7.96
N ALA C 221 -7.46 -48.96 6.76
CA ALA C 221 -6.83 -49.62 5.62
C ALA C 221 -5.54 -48.94 5.21
N LYS C 222 -5.42 -47.63 5.43
CA LYS C 222 -4.22 -46.88 5.09
C LYS C 222 -3.22 -46.80 6.24
N GLY C 223 -3.54 -47.38 7.40
CA GLY C 223 -2.65 -47.37 8.53
C GLY C 223 -2.70 -46.13 9.39
N ILE C 224 -3.55 -45.15 9.05
CA ILE C 224 -3.65 -43.94 9.86
C ILE C 224 -4.24 -44.26 11.23
N LEU C 225 -5.32 -45.04 11.25
CA LEU C 225 -6.00 -45.42 12.48
C LEU C 225 -5.77 -46.90 12.74
N GLY C 226 -5.46 -47.23 14.00
CA GLY C 226 -5.18 -48.59 14.39
C GLY C 226 -6.39 -49.49 14.31
N PRO C 227 -6.16 -50.80 14.28
CA PRO C 227 -7.29 -51.74 14.22
C PRO C 227 -8.23 -51.61 15.41
N ASP C 228 -7.72 -51.24 16.58
CA ASP C 228 -8.55 -51.05 17.76
C ASP C 228 -9.26 -49.70 17.78
N GLY C 229 -8.97 -48.83 16.82
CA GLY C 229 -9.61 -47.52 16.78
C GLY C 229 -8.84 -46.42 17.47
N VAL C 230 -7.51 -46.47 17.45
CA VAL C 230 -6.69 -45.44 18.10
C VAL C 230 -5.75 -44.85 17.06
N PRO C 231 -5.30 -43.60 17.23
CA PRO C 231 -4.36 -43.02 16.26
C PRO C 231 -3.03 -43.75 16.26
N SER C 232 -2.38 -43.75 15.11
CA SER C 232 -1.08 -44.39 14.97
C SER C 232 -0.01 -43.61 15.74
N ARG C 233 1.19 -44.18 15.78
CA ARG C 233 2.30 -43.54 16.48
C ARG C 233 2.65 -42.19 15.88
N ALA C 234 2.54 -42.06 14.56
CA ALA C 234 2.89 -40.82 13.88
C ALA C 234 1.90 -39.70 14.15
N ALA C 235 0.74 -40.00 14.74
CA ALA C 235 -0.29 -38.97 14.93
C ALA C 235 0.04 -38.04 16.09
N GLU C 236 0.22 -38.60 17.29
CA GLU C 236 0.44 -37.77 18.47
C GLU C 236 1.74 -36.99 18.39
N VAL C 237 2.78 -37.58 17.79
CA VAL C 237 4.04 -36.85 17.64
C VAL C 237 3.86 -35.64 16.74
N ALA C 238 3.02 -35.76 15.70
CA ALA C 238 2.70 -34.60 14.88
C ALA C 238 1.87 -33.59 15.66
N ALA C 239 0.91 -34.06 16.45
CA ALA C 239 0.09 -33.17 17.27
C ALA C 239 0.94 -32.47 18.33
N ALA C 240 1.87 -33.19 18.95
CA ALA C 240 2.71 -32.59 19.99
C ALA C 240 3.57 -31.47 19.43
N ALA C 241 4.14 -31.67 18.24
CA ALA C 241 4.95 -30.62 17.62
C ALA C 241 4.10 -29.40 17.30
N TYR C 242 2.86 -29.62 16.85
CA TYR C 242 1.95 -28.50 16.60
C TYR C 242 1.66 -27.73 17.88
N ARG C 243 1.47 -28.44 18.99
CA ARG C 243 1.27 -27.77 20.27
C ARG C 243 2.50 -26.99 20.70
N ASN C 244 3.70 -27.45 20.30
CA ASN C 244 4.95 -26.82 20.66
C ASN C 244 5.48 -25.91 19.55
N LEU C 245 4.60 -25.28 18.79
CA LEU C 245 4.97 -24.37 17.71
C LEU C 245 5.87 -25.04 16.69
N MET D 1 -0.43 46.94 9.00
CA MET D 1 -0.33 48.06 8.07
C MET D 1 -1.66 48.30 7.37
N SER D 2 -2.13 47.30 6.64
CA SER D 2 -3.39 47.42 5.92
C SER D 2 -4.56 47.54 6.90
N GLU D 3 -5.53 48.38 6.55
CA GLU D 3 -6.69 48.56 7.41
C GLU D 3 -7.56 47.32 7.48
N TRP D 4 -7.44 46.42 6.50
CA TRP D 4 -8.26 45.21 6.51
C TRP D 4 -7.74 44.20 7.54
N SER D 5 -6.44 44.22 7.83
CA SER D 5 -5.92 43.40 8.92
C SER D 5 -6.52 43.83 10.26
N ARG D 6 -6.75 45.13 10.44
CA ARG D 6 -7.40 45.63 11.64
C ARG D 6 -8.86 45.20 11.73
N ILE D 7 -9.48 44.84 10.60
CA ILE D 7 -10.83 44.31 10.64
C ILE D 7 -10.82 42.90 11.26
N ALA D 8 -9.80 42.11 10.94
CA ALA D 8 -9.73 40.75 11.46
C ALA D 8 -9.58 40.73 12.97
N VAL D 9 -8.74 41.63 13.52
CA VAL D 9 -8.48 41.60 14.96
C VAL D 9 -9.73 41.96 15.75
N GLU D 10 -10.54 42.88 15.22
CA GLU D 10 -11.79 43.25 15.89
C GLU D 10 -12.87 42.21 15.67
N PHE D 11 -12.88 41.56 14.51
CA PHE D 11 -13.93 40.58 14.19
C PHE D 11 -13.86 39.38 15.14
N GLY D 12 -12.66 39.00 15.56
CA GLY D 12 -12.52 37.89 16.48
C GLY D 12 -12.49 38.25 17.95
N GLU D 13 -12.37 39.54 18.27
CA GLU D 13 -12.28 39.97 19.65
C GLU D 13 -13.66 40.11 20.31
N GLN D 14 -14.74 40.10 19.53
CA GLN D 14 -16.06 40.20 20.10
C GLN D 14 -16.40 38.96 20.92
N GLN D 15 -17.17 39.15 21.98
CA GLN D 15 -17.54 38.04 22.85
C GLN D 15 -18.43 37.06 22.10
N LEU D 16 -18.07 35.77 22.17
CA LEU D 16 -18.85 34.75 21.48
C LEU D 16 -20.01 34.30 22.34
N ASN D 17 -21.16 34.08 21.70
CA ASN D 17 -22.35 33.61 22.38
C ASN D 17 -22.37 32.08 22.43
N LEU D 18 -22.11 31.52 23.62
CA LEU D 18 -21.97 30.09 23.77
C LEU D 18 -23.26 29.35 23.47
N THR D 19 -24.40 29.88 23.94
CA THR D 19 -25.67 29.19 23.75
C THR D 19 -26.02 29.08 22.27
N GLU D 20 -25.85 30.17 21.52
CA GLU D 20 -26.13 30.13 20.09
C GLU D 20 -25.09 29.28 19.35
N LEU D 21 -23.82 29.39 19.75
CA LEU D 21 -22.77 28.61 19.09
C LEU D 21 -22.97 27.12 19.31
N GLU D 22 -23.39 26.73 20.53
CA GLU D 22 -23.64 25.32 20.81
C GLU D 22 -24.78 24.78 19.95
N ASP D 23 -25.73 25.63 19.58
CA ASP D 23 -26.76 25.21 18.64
C ASP D 23 -26.18 24.83 17.29
N PHE D 24 -25.21 25.63 16.80
CA PHE D 24 -24.51 25.25 15.58
C PHE D 24 -23.71 23.98 15.78
N ALA D 25 -23.07 23.82 16.94
CA ALA D 25 -22.21 22.67 17.17
C ALA D 25 -22.96 21.36 17.10
N ARG D 26 -24.15 21.30 17.70
CA ARG D 26 -24.96 20.09 17.61
C ARG D 26 -25.57 19.93 16.23
N GLU D 27 -25.79 21.04 15.51
CA GLU D 27 -26.40 20.99 14.19
C GLU D 27 -25.47 20.37 13.16
N LEU D 28 -24.15 20.44 13.36
CA LEU D 28 -23.18 19.98 12.38
C LEU D 28 -22.61 18.61 12.71
N ALA D 29 -23.08 17.97 13.78
CA ALA D 29 -22.58 16.67 14.15
C ALA D 29 -23.06 15.60 13.18
N TYR D 30 -22.30 14.52 13.07
CA TYR D 30 -22.62 13.45 12.15
C TYR D 30 -23.73 12.56 12.70
N GLU D 31 -24.59 12.09 11.81
CA GLU D 31 -25.67 11.14 12.15
C GLU D 31 -25.76 10.14 11.01
N GLY D 32 -25.12 8.98 11.19
CA GLY D 32 -25.06 7.99 10.14
C GLY D 32 -26.37 7.32 9.81
N LEU D 33 -27.30 7.27 10.75
CA LEU D 33 -28.60 6.62 10.56
C LEU D 33 -29.73 7.59 10.82
N ASP D 34 -30.67 7.66 9.88
CA ASP D 34 -31.92 8.40 10.06
C ASP D 34 -33.06 7.41 9.90
N PRO D 35 -33.65 6.91 10.99
CA PRO D 35 -34.76 5.95 10.85
C PRO D 35 -35.96 6.51 10.12
N ALA D 36 -36.14 7.83 10.10
CA ALA D 36 -37.22 8.41 9.31
C ALA D 36 -37.00 8.19 7.82
N LEU D 37 -35.77 8.32 7.36
CA LEU D 37 -35.50 8.22 5.92
C LEU D 37 -35.57 6.79 5.43
N ILE D 38 -35.06 5.84 6.22
CA ILE D 38 -35.06 4.43 5.81
C ILE D 38 -36.48 3.93 5.62
N ILE D 39 -37.40 4.33 6.50
CA ILE D 39 -38.80 3.97 6.34
C ILE D 39 -39.41 4.71 5.17
N LYS D 40 -39.06 6.00 5.01
CA LYS D 40 -39.65 6.82 3.95
C LYS D 40 -39.29 6.27 2.57
N LYS D 41 -38.03 5.85 2.39
CA LYS D 41 -37.61 5.34 1.10
C LYS D 41 -38.37 4.08 0.71
N LEU D 42 -38.58 3.17 1.67
CA LEU D 42 -39.29 1.93 1.38
C LEU D 42 -40.77 2.19 1.10
N LYS D 43 -41.41 3.05 1.89
CA LYS D 43 -42.84 3.28 1.74
C LYS D 43 -43.18 3.91 0.40
N GLU D 44 -42.40 4.91 -0.03
CA GLU D 44 -42.73 5.63 -1.24
C GLU D 44 -42.42 4.81 -2.49
N THR D 45 -41.41 3.94 -2.44
CA THR D 45 -41.02 3.18 -3.62
C THR D 45 -41.90 1.95 -3.82
N GLY D 46 -41.89 1.03 -2.85
CA GLY D 46 -42.63 -0.21 -2.98
C GLY D 46 -43.71 -0.40 -1.93
N GLY D 47 -44.45 0.67 -1.64
CA GLY D 47 -45.46 0.61 -0.59
C GLY D 47 -46.58 -0.39 -0.84
N ASP D 48 -46.80 -0.78 -2.10
CA ASP D 48 -47.84 -1.76 -2.39
C ASP D 48 -47.51 -3.12 -1.77
N ASP D 49 -46.25 -3.54 -1.87
CA ASP D 49 -45.80 -4.81 -1.31
C ASP D 49 -44.78 -4.58 -0.19
N TRP D 50 -44.78 -3.39 0.41
CA TRP D 50 -43.80 -3.07 1.45
C TRP D 50 -43.97 -3.93 2.69
N VAL D 51 -45.17 -4.46 2.93
CA VAL D 51 -45.38 -5.32 4.09
C VAL D 51 -44.54 -6.58 3.98
N LYS D 52 -44.51 -7.20 2.81
CA LYS D 52 -43.79 -8.46 2.63
C LYS D 52 -42.34 -8.26 2.21
N ASP D 53 -42.04 -7.22 1.43
CA ASP D 53 -40.69 -7.03 0.92
C ASP D 53 -39.69 -6.76 2.05
N THR D 54 -40.08 -5.94 3.04
CA THR D 54 -39.14 -5.59 4.09
C THR D 54 -38.87 -6.78 5.02
N LYS D 55 -39.81 -7.72 5.12
CA LYS D 55 -39.60 -8.87 5.99
C LYS D 55 -38.47 -9.76 5.48
N PHE D 56 -38.38 -9.94 4.17
CA PHE D 56 -37.30 -10.74 3.60
C PHE D 56 -35.95 -10.07 3.77
N ILE D 57 -35.91 -8.73 3.64
CA ILE D 57 -34.65 -8.02 3.74
C ILE D 57 -34.08 -8.13 5.15
N ILE D 58 -34.92 -7.93 6.16
CA ILE D 58 -34.43 -7.88 7.53
C ILE D 58 -33.97 -9.26 8.00
N VAL D 59 -34.72 -10.31 7.66
CA VAL D 59 -34.32 -11.65 8.08
C VAL D 59 -33.01 -12.04 7.43
N PHE D 60 -32.71 -11.49 6.26
CA PHE D 60 -31.39 -11.68 5.66
C PHE D 60 -30.31 -11.06 6.52
N ALA D 61 -30.55 -9.86 7.05
CA ALA D 61 -29.61 -9.25 7.98
C ALA D 61 -29.58 -10.00 9.30
N LEU D 62 -30.70 -10.65 9.67
CA LEU D 62 -30.74 -11.42 10.89
C LEU D 62 -29.83 -12.64 10.82
N THR D 63 -29.80 -13.30 9.66
CA THR D 63 -29.07 -14.56 9.51
C THR D 63 -27.74 -14.40 8.77
N ARG D 64 -27.47 -13.24 8.19
CA ARG D 64 -26.22 -13.02 7.47
C ARG D 64 -25.83 -11.56 7.61
N GLY D 65 -24.92 -11.10 6.74
CA GLY D 65 -24.43 -9.74 6.81
C GLY D 65 -24.86 -8.85 5.66
N ASN D 66 -24.02 -7.87 5.34
CA ASN D 66 -24.34 -6.86 4.34
C ASN D 66 -23.80 -7.18 2.95
N LYS D 67 -22.92 -8.17 2.82
CA LYS D 67 -22.30 -8.45 1.53
C LYS D 67 -23.29 -9.12 0.59
N ILE D 68 -24.03 -8.31 -0.18
CA ILE D 68 -25.07 -8.85 -1.04
C ILE D 68 -24.46 -9.71 -2.15
N VAL D 69 -23.42 -9.20 -2.81
CA VAL D 69 -22.85 -9.93 -3.94
C VAL D 69 -22.17 -11.21 -3.47
N LYS D 70 -21.50 -11.18 -2.33
CA LYS D 70 -20.85 -12.38 -1.81
C LYS D 70 -21.88 -13.38 -1.31
N ALA D 71 -22.97 -12.89 -0.70
CA ALA D 71 -23.98 -13.78 -0.16
C ALA D 71 -24.88 -14.38 -1.24
N SER D 72 -25.16 -13.63 -2.31
CA SER D 72 -26.06 -14.13 -3.34
C SER D 72 -25.50 -15.37 -4.04
N GLY D 73 -24.17 -15.49 -4.11
CA GLY D 73 -23.57 -16.63 -4.75
C GLY D 73 -23.43 -17.87 -3.89
N LYS D 74 -23.63 -17.75 -2.59
CA LYS D 74 -23.48 -18.89 -1.68
C LYS D 74 -24.81 -19.49 -1.25
N MET D 75 -25.87 -18.68 -1.18
CA MET D 75 -27.16 -19.17 -0.70
C MET D 75 -27.88 -19.95 -1.79
N SER D 76 -29.06 -20.46 -1.44
CA SER D 76 -29.83 -21.27 -2.39
C SER D 76 -30.25 -20.43 -3.59
N ASN D 77 -30.20 -21.05 -4.77
CA ASN D 77 -30.50 -20.35 -6.00
C ASN D 77 -32.00 -20.26 -6.30
N SER D 78 -32.84 -20.97 -5.54
CA SER D 78 -34.27 -20.88 -5.76
C SER D 78 -34.81 -19.48 -5.45
N GLY D 79 -34.34 -18.88 -4.36
CA GLY D 79 -34.71 -17.53 -4.00
C GLY D 79 -33.62 -16.50 -4.16
N SER D 80 -32.48 -16.85 -4.76
CA SER D 80 -31.41 -15.88 -4.98
C SER D 80 -31.87 -14.79 -5.96
N LYS D 81 -32.65 -15.17 -6.97
CA LYS D 81 -33.14 -14.20 -7.93
C LYS D 81 -34.04 -13.17 -7.26
N ARG D 82 -34.90 -13.61 -6.33
CA ARG D 82 -35.81 -12.68 -5.67
C ARG D 82 -35.04 -11.64 -4.85
N LEU D 83 -34.00 -12.06 -4.15
CA LEU D 83 -33.15 -11.10 -3.46
C LEU D 83 -32.47 -10.16 -4.45
N MET D 84 -32.00 -10.69 -5.57
CA MET D 84 -31.47 -9.84 -6.63
C MET D 84 -32.58 -9.02 -7.28
N ALA D 85 -33.79 -9.56 -7.35
CA ALA D 85 -34.92 -8.76 -7.81
C ALA D 85 -35.18 -7.59 -6.85
N LEU D 86 -35.09 -7.84 -5.55
CA LEU D 86 -35.19 -6.76 -4.58
C LEU D 86 -33.96 -5.88 -4.58
N GLN D 87 -32.83 -6.38 -5.10
CA GLN D 87 -31.62 -5.58 -5.17
C GLN D 87 -31.81 -4.35 -6.06
N GLU D 88 -32.33 -4.56 -7.26
CA GLU D 88 -32.54 -3.45 -8.19
C GLU D 88 -33.79 -2.64 -7.85
N LYS D 89 -34.80 -3.27 -7.24
CA LYS D 89 -36.05 -2.58 -6.95
C LYS D 89 -35.83 -1.45 -5.94
N TYR D 90 -35.02 -1.69 -4.90
CA TYR D 90 -34.81 -0.71 -3.86
C TYR D 90 -33.43 -0.07 -3.89
N GLY D 91 -32.44 -0.74 -4.46
CA GLY D 91 -31.10 -0.18 -4.54
C GLY D 91 -30.29 -0.36 -3.28
N LEU D 92 -30.30 -1.58 -2.73
CA LEU D 92 -29.51 -1.86 -1.54
C LEU D 92 -28.03 -1.80 -1.87
N VAL D 93 -27.24 -1.39 -0.87
CA VAL D 93 -25.79 -1.31 -1.00
C VAL D 93 -25.17 -2.05 0.19
N GLU D 94 -23.91 -2.45 0.03
CA GLU D 94 -23.20 -3.17 1.07
C GLU D 94 -22.45 -2.26 2.03
N ARG D 95 -22.35 -0.97 1.74
CA ARG D 95 -21.66 -0.03 2.60
C ARG D 95 -22.50 1.24 2.76
N ALA D 96 -22.44 1.83 3.95
CA ALA D 96 -23.21 3.04 4.26
C ALA D 96 -22.37 4.25 3.90
N GLU D 97 -22.34 4.55 2.59
CA GLU D 97 -21.60 5.72 2.13
C GLU D 97 -22.27 7.02 2.57
N THR D 98 -23.57 7.12 2.38
CA THR D 98 -24.33 8.32 2.73
C THR D 98 -25.55 7.91 3.56
N ARG D 99 -26.30 8.91 4.03
CA ARG D 99 -27.51 8.64 4.77
C ARG D 99 -28.55 7.95 3.90
N LEU D 100 -28.66 8.36 2.64
CA LEU D 100 -29.61 7.73 1.73
C LEU D 100 -29.26 6.27 1.45
N SER D 101 -28.00 5.89 1.61
CA SER D 101 -27.59 4.51 1.37
C SER D 101 -28.33 3.57 2.32
N ILE D 102 -28.80 2.45 1.77
CA ILE D 102 -29.61 1.49 2.51
C ILE D 102 -28.88 0.14 2.51
N THR D 103 -28.74 -0.45 3.70
CA THR D 103 -28.12 -1.75 3.86
C THR D 103 -29.07 -2.65 4.65
N PRO D 104 -28.97 -3.97 4.49
CA PRO D 104 -29.87 -4.85 5.24
C PRO D 104 -29.80 -4.66 6.74
N VAL D 105 -28.62 -4.41 7.31
CA VAL D 105 -28.52 -4.23 8.75
C VAL D 105 -29.20 -2.94 9.19
N ARG D 106 -29.20 -1.91 8.33
CA ARG D 106 -29.85 -0.66 8.68
C ARG D 106 -31.36 -0.86 8.86
N VAL D 107 -31.98 -1.67 8.00
CA VAL D 107 -33.40 -1.94 8.12
C VAL D 107 -33.69 -2.65 9.43
N ALA D 108 -32.82 -3.59 9.83
CA ALA D 108 -32.98 -4.25 11.11
C ALA D 108 -32.83 -3.26 12.26
N GLN D 109 -31.89 -2.32 12.15
CA GLN D 109 -31.70 -1.32 13.18
C GLN D 109 -32.83 -0.30 13.24
N SER D 110 -33.68 -0.23 12.22
CA SER D 110 -34.79 0.72 12.21
C SER D 110 -36.06 0.16 12.81
N LEU D 111 -36.16 -1.16 12.97
CA LEU D 111 -37.32 -1.81 13.56
C LEU D 111 -36.85 -2.76 14.65
N PRO D 112 -36.33 -2.22 15.75
CA PRO D 112 -35.74 -3.09 16.78
C PRO D 112 -36.71 -4.06 17.42
N THR D 113 -37.99 -3.68 17.55
CA THR D 113 -38.93 -4.52 18.27
C THR D 113 -39.22 -5.83 17.54
N TRP D 114 -39.52 -5.73 16.24
CA TRP D 114 -39.95 -6.93 15.51
C TRP D 114 -38.80 -7.90 15.31
N THR D 115 -37.60 -7.38 15.03
CA THR D 115 -36.46 -8.25 14.76
C THR D 115 -36.07 -9.06 16.00
N CYS D 116 -36.24 -8.49 17.19
CA CYS D 116 -36.02 -9.27 18.40
C CYS D 116 -37.02 -10.41 18.50
N ALA D 117 -38.29 -10.14 18.18
CA ALA D 117 -39.28 -11.21 18.12
C ALA D 117 -38.94 -12.21 17.02
N ALA D 118 -38.49 -11.71 15.87
CA ALA D 118 -38.08 -12.60 14.79
C ALA D 118 -36.88 -13.45 15.20
N ALA D 119 -35.95 -12.85 15.95
CA ALA D 119 -34.81 -13.62 16.46
C ALA D 119 -35.27 -14.69 17.43
N ALA D 120 -36.29 -14.38 18.25
CA ALA D 120 -36.82 -15.38 19.16
C ALA D 120 -37.46 -16.55 18.41
N ALA D 121 -38.18 -16.25 17.33
CA ALA D 121 -38.82 -17.31 16.55
C ALA D 121 -37.84 -18.08 15.69
N LEU D 122 -36.67 -17.51 15.42
CA LEU D 122 -35.68 -18.17 14.58
C LEU D 122 -34.34 -18.25 15.29
N LYS D 123 -34.35 -18.70 16.55
CA LYS D 123 -33.16 -18.63 17.39
C LYS D 123 -32.02 -19.45 16.82
N GLU D 124 -32.32 -20.61 16.23
CA GLU D 124 -31.28 -21.51 15.75
C GLU D 124 -30.62 -21.01 14.47
N TYR D 125 -31.27 -20.10 13.74
CA TYR D 125 -30.80 -19.71 12.41
C TYR D 125 -29.92 -18.46 12.42
N LEU D 126 -29.65 -17.88 13.58
CA LEU D 126 -28.72 -16.75 13.63
C LEU D 126 -27.29 -17.24 13.38
N PRO D 127 -26.41 -16.35 12.91
CA PRO D 127 -25.01 -16.75 12.73
C PRO D 127 -24.36 -17.27 14.00
N VAL D 128 -24.72 -16.70 15.14
CA VAL D 128 -24.37 -17.26 16.45
C VAL D 128 -25.59 -17.97 16.99
N GLY D 129 -25.40 -19.20 17.48
CA GLY D 129 -26.51 -20.02 17.91
C GLY D 129 -26.64 -20.10 19.41
N PRO D 130 -27.83 -20.44 19.89
CA PRO D 130 -28.01 -20.67 21.33
C PRO D 130 -27.18 -21.83 21.86
N ALA D 131 -26.78 -22.76 21.00
CA ALA D 131 -25.98 -23.90 21.46
C ALA D 131 -24.66 -23.44 22.05
N VAL D 132 -23.96 -22.51 21.38
CA VAL D 132 -22.74 -21.96 21.96
C VAL D 132 -23.09 -20.94 23.04
N MET D 133 -24.26 -20.32 22.96
CA MET D 133 -24.69 -19.39 24.00
C MET D 133 -25.12 -20.13 25.26
N ASN D 134 -25.66 -21.35 25.12
CA ASN D 134 -26.06 -22.12 26.29
C ASN D 134 -24.86 -22.44 27.17
N LEU D 135 -23.72 -22.76 26.54
CA LEU D 135 -22.50 -23.02 27.31
C LEU D 135 -22.07 -21.78 28.08
N LYS D 136 -22.18 -20.60 27.44
CA LYS D 136 -21.79 -19.36 28.12
C LYS D 136 -22.74 -19.05 29.28
N VAL D 137 -24.04 -19.13 29.04
CA VAL D 137 -25.04 -18.82 30.07
C VAL D 137 -26.27 -19.67 29.81
N GLU D 138 -26.92 -20.10 30.89
CA GLU D 138 -28.09 -20.96 30.78
C GLU D 138 -29.35 -20.15 30.53
N ASN D 139 -30.22 -20.68 29.67
CA ASN D 139 -31.55 -20.11 29.40
C ASN D 139 -31.45 -18.65 28.95
N TYR D 140 -30.59 -18.41 27.96
CA TYR D 140 -30.45 -17.07 27.40
C TYR D 140 -31.69 -16.71 26.61
N PRO D 141 -32.25 -15.52 26.79
CA PRO D 141 -33.48 -15.14 26.06
C PRO D 141 -33.21 -14.96 24.58
N PRO D 142 -33.91 -15.71 23.73
CA PRO D 142 -33.69 -15.57 22.28
C PRO D 142 -34.12 -14.23 21.72
N GLU D 143 -35.05 -13.52 22.36
CA GLU D 143 -35.46 -12.22 21.86
C GLU D 143 -34.41 -11.15 22.13
N MET D 144 -33.77 -11.21 23.30
CA MET D 144 -32.60 -10.38 23.58
C MET D 144 -31.42 -10.75 22.69
N MET D 145 -31.47 -11.93 22.06
CA MET D 145 -30.36 -12.47 21.28
C MET D 145 -30.48 -11.94 19.84
N CYS D 146 -30.11 -10.67 19.67
CA CYS D 146 -30.23 -10.03 18.37
C CYS D 146 -29.26 -8.86 18.30
N MET D 147 -28.87 -8.52 17.07
CA MET D 147 -27.99 -7.38 16.85
C MET D 147 -28.68 -6.07 17.20
N ALA D 148 -29.94 -5.92 16.82
CA ALA D 148 -30.66 -4.67 16.98
C ALA D 148 -31.16 -4.42 18.40
N PHE D 149 -30.73 -5.23 19.37
CA PHE D 149 -31.14 -4.99 20.74
C PHE D 149 -30.57 -3.68 21.28
N GLY D 150 -29.43 -3.24 20.76
CA GLY D 150 -28.79 -2.04 21.27
C GLY D 150 -29.68 -0.81 21.14
N SER D 151 -30.36 -0.68 20.02
CA SER D 151 -31.29 0.43 19.83
C SER D 151 -32.55 0.28 20.67
N LEU D 152 -32.76 -0.87 21.30
CA LEU D 152 -33.95 -1.11 22.13
C LEU D 152 -33.65 -1.02 23.61
N ILE D 153 -32.37 -0.95 24.00
CA ILE D 153 -32.02 -0.79 25.42
C ILE D 153 -32.53 0.56 25.92
N PRO D 154 -33.17 0.61 27.09
CA PRO D 154 -33.72 1.88 27.58
C PRO D 154 -32.73 2.69 28.40
N THR D 155 -32.87 4.01 28.28
CA THR D 155 -32.05 4.96 29.01
C THR D 155 -32.85 5.89 29.92
N ALA D 156 -34.15 6.04 29.71
CA ALA D 156 -34.99 6.89 30.53
C ALA D 156 -36.19 6.09 31.03
N GLY D 157 -36.67 6.46 32.21
CA GLY D 157 -37.75 5.75 32.86
C GLY D 157 -37.32 4.56 33.69
N VAL D 158 -36.08 4.10 33.54
CA VAL D 158 -35.52 3.00 34.31
C VAL D 158 -34.20 3.46 34.89
N SER D 159 -33.89 2.97 36.09
CA SER D 159 -32.69 3.42 36.79
C SER D 159 -31.43 3.06 36.00
N GLU D 160 -30.43 3.95 36.07
CA GLU D 160 -29.20 3.76 35.31
C GLU D 160 -28.41 2.56 35.81
N ALA D 161 -28.46 2.28 37.11
CA ALA D 161 -27.65 1.20 37.68
C ALA D 161 -27.99 -0.14 37.05
N THR D 162 -29.28 -0.45 36.92
CA THR D 162 -29.69 -1.69 36.28
C THR D 162 -29.55 -1.64 34.77
N THR D 163 -29.50 -0.44 34.17
CA THR D 163 -29.28 -0.33 32.74
C THR D 163 -27.90 -0.86 32.36
N LYS D 164 -26.89 -0.55 33.18
CA LYS D 164 -25.54 -1.03 32.92
C LYS D 164 -25.50 -2.56 32.99
N THR D 165 -26.22 -3.14 33.95
CA THR D 165 -26.28 -4.60 34.03
C THR D 165 -26.89 -5.20 32.76
N LEU D 166 -27.98 -4.60 32.27
CA LEU D 166 -28.53 -5.01 30.98
C LEU D 166 -27.55 -4.69 29.86
N MET D 167 -26.87 -3.54 29.95
CA MET D 167 -25.85 -3.21 28.96
C MET D 167 -24.71 -4.21 28.97
N GLU D 168 -24.26 -4.59 30.17
CA GLU D 168 -23.18 -5.56 30.26
C GLU D 168 -23.62 -6.94 29.79
N ALA D 169 -24.85 -7.33 30.10
CA ALA D 169 -25.37 -8.62 29.64
C ALA D 169 -25.45 -8.67 28.12
N TYR D 170 -25.92 -7.59 27.50
CA TYR D 170 -25.99 -7.54 26.04
C TYR D 170 -24.59 -7.58 25.42
N SER D 171 -23.61 -6.97 26.09
CA SER D 171 -22.25 -6.97 25.56
C SER D 171 -21.69 -8.39 25.46
N LEU D 172 -22.16 -9.30 26.32
CA LEU D 172 -21.71 -10.68 26.24
C LEU D 172 -22.10 -11.32 24.91
N TRP D 173 -23.33 -11.08 24.47
CA TRP D 173 -23.76 -11.61 23.17
C TRP D 173 -23.00 -10.95 22.03
N GLN D 174 -22.81 -9.62 22.11
CA GLN D 174 -22.06 -8.93 21.07
C GLN D 174 -20.62 -9.40 21.02
N ASP D 175 -20.01 -9.63 22.18
CA ASP D 175 -18.65 -10.15 22.22
C ASP D 175 -18.55 -11.49 21.53
N ALA D 176 -19.50 -12.38 21.80
CA ALA D 176 -19.52 -13.67 21.12
C ALA D 176 -19.83 -13.51 19.64
N PHE D 177 -20.74 -12.61 19.29
CA PHE D 177 -21.12 -12.43 17.90
C PHE D 177 -19.96 -11.87 17.07
N THR D 178 -19.35 -10.77 17.54
CA THR D 178 -18.29 -10.15 16.76
C THR D 178 -17.03 -11.01 16.71
N LYS D 179 -16.84 -11.88 17.71
CA LYS D 179 -15.72 -12.81 17.66
C LYS D 179 -15.93 -13.88 16.60
N THR D 180 -17.15 -14.39 16.50
CA THR D 180 -17.44 -15.43 15.51
C THR D 180 -17.54 -14.85 14.10
N ILE D 181 -18.16 -13.68 13.96
CA ILE D 181 -18.47 -13.17 12.62
C ILE D 181 -17.20 -12.68 11.92
N ASN D 182 -16.20 -12.24 12.67
CA ASN D 182 -14.94 -11.77 12.12
C ASN D 182 -13.83 -12.71 12.59
N VAL D 183 -13.17 -13.37 11.63
CA VAL D 183 -12.16 -14.37 11.97
C VAL D 183 -10.95 -13.71 12.64
N LYS D 184 -10.59 -12.50 12.20
CA LYS D 184 -9.40 -11.85 12.72
C LYS D 184 -9.55 -11.45 14.18
N MET D 185 -10.78 -11.18 14.64
CA MET D 185 -11.01 -10.71 16.00
C MET D 185 -10.84 -11.80 17.05
N ARG D 186 -10.84 -13.07 16.66
CA ARG D 186 -10.69 -14.15 17.64
C ARG D 186 -9.27 -14.14 18.20
N GLY D 187 -9.16 -14.61 19.45
CA GLY D 187 -7.88 -14.60 20.14
C GLY D 187 -7.38 -13.20 20.47
N ALA D 188 -8.27 -12.33 20.91
CA ALA D 188 -7.93 -10.96 21.27
C ALA D 188 -8.29 -10.69 22.72
N SER D 189 -7.76 -9.58 23.24
CA SER D 189 -8.02 -9.22 24.62
C SER D 189 -9.50 -8.85 24.82
N LYS D 190 -9.97 -9.04 26.05
CA LYS D 190 -11.37 -8.76 26.36
C LYS D 190 -11.69 -7.29 26.17
N THR D 191 -10.80 -6.40 26.59
CA THR D 191 -11.07 -4.97 26.46
C THR D 191 -10.97 -4.49 25.01
N GLU D 192 -10.11 -5.12 24.21
CA GLU D 192 -9.96 -4.68 22.83
C GLU D 192 -11.19 -5.04 21.99
N VAL D 193 -11.69 -6.27 22.13
CA VAL D 193 -12.87 -6.67 21.37
C VAL D 193 -14.09 -5.89 21.82
N TYR D 194 -14.18 -5.57 23.11
CA TYR D 194 -15.29 -4.76 23.60
C TYR D 194 -15.27 -3.36 23.03
N ASN D 195 -14.08 -2.86 22.67
CA ASN D 195 -13.95 -1.52 22.09
C ASN D 195 -14.28 -1.49 20.60
N SER D 196 -14.34 -2.64 19.93
CA SER D 196 -14.64 -2.64 18.50
C SER D 196 -16.12 -2.35 18.24
N PHE D 197 -16.99 -2.67 19.19
CA PHE D 197 -18.41 -2.41 19.05
C PHE D 197 -18.93 -1.43 20.10
N ARG D 198 -18.07 -0.93 20.98
CA ARG D 198 -18.52 0.01 22.01
C ARG D 198 -19.09 1.28 21.40
N ASP D 199 -18.35 1.88 20.46
CA ASP D 199 -18.80 3.15 19.88
C ASP D 199 -20.14 3.05 19.17
N PRO D 200 -20.38 2.08 18.29
CA PRO D 200 -21.73 1.95 17.71
C PRO D 200 -22.82 1.68 18.74
N LEU D 201 -22.49 0.94 19.81
CA LEU D 201 -23.52 0.54 20.77
C LEU D 201 -24.01 1.73 21.59
N HIS D 202 -23.08 2.53 22.12
CA HIS D 202 -23.48 3.70 22.90
C HIS D 202 -24.22 4.72 22.05
N ALA D 203 -23.84 4.85 20.78
CA ALA D 203 -24.61 5.72 19.88
C ALA D 203 -25.99 5.15 19.61
N ALA D 204 -26.13 3.82 19.61
CA ALA D 204 -27.43 3.21 19.34
C ALA D 204 -28.38 3.35 20.53
N VAL D 205 -27.87 3.16 21.74
CA VAL D 205 -28.74 3.19 22.91
C VAL D 205 -29.25 4.60 23.18
N ASN D 206 -28.47 5.62 22.79
CA ASN D 206 -28.84 7.01 23.04
C ASN D 206 -29.70 7.61 21.93
N SER D 207 -30.14 6.79 20.97
CA SER D 207 -30.97 7.29 19.88
C SER D 207 -32.31 7.78 20.43
N VAL D 208 -32.86 8.80 19.77
CA VAL D 208 -34.10 9.44 20.21
C VAL D 208 -35.29 9.03 19.35
N PHE D 209 -35.06 8.45 18.16
CA PHE D 209 -36.15 8.12 17.26
C PHE D 209 -37.17 7.20 17.91
N PHE D 210 -36.71 6.08 18.47
CA PHE D 210 -37.62 5.10 19.04
C PHE D 210 -38.08 5.58 20.41
N PRO D 211 -39.37 5.78 20.63
CA PRO D 211 -39.83 6.36 21.90
C PRO D 211 -39.48 5.48 23.09
N ASN D 212 -39.14 6.13 24.20
CA ASN D 212 -38.79 5.40 25.41
C ASN D 212 -40.00 4.86 26.16
N ASP D 213 -41.15 5.54 26.05
CA ASP D 213 -42.35 5.05 26.74
C ASP D 213 -42.81 3.71 26.18
N VAL D 214 -42.76 3.56 24.85
CA VAL D 214 -43.08 2.27 24.25
C VAL D 214 -41.92 1.28 24.41
N ARG D 215 -40.71 1.79 24.66
CA ARG D 215 -39.57 0.91 24.87
C ARG D 215 -39.76 0.07 26.13
N VAL D 216 -40.27 0.67 27.20
CA VAL D 216 -40.41 -0.03 28.47
C VAL D 216 -41.51 -1.09 28.39
N LYS D 217 -42.65 -0.74 27.79
CA LYS D 217 -43.77 -1.68 27.75
C LYS D 217 -43.44 -2.90 26.90
N TRP D 218 -42.74 -2.71 25.79
CA TRP D 218 -42.31 -3.83 24.98
C TRP D 218 -41.30 -4.69 25.73
N LEU D 219 -40.35 -4.06 26.42
CA LEU D 219 -39.31 -4.80 27.11
C LEU D 219 -39.88 -5.64 28.26
N LYS D 220 -40.86 -5.10 28.99
CA LYS D 220 -41.48 -5.86 30.07
C LYS D 220 -42.28 -7.03 29.52
N ALA D 221 -42.97 -6.84 28.39
CA ALA D 221 -43.86 -7.87 27.88
C ALA D 221 -43.12 -9.11 27.38
N LYS D 222 -41.85 -8.99 27.05
CA LYS D 222 -41.09 -10.12 26.52
C LYS D 222 -40.39 -10.94 27.59
N GLY D 223 -40.55 -10.58 28.86
CA GLY D 223 -40.05 -11.38 29.96
C GLY D 223 -38.65 -11.04 30.44
N ILE D 224 -37.92 -10.16 29.74
CA ILE D 224 -36.59 -9.77 30.22
C ILE D 224 -36.72 -8.94 31.49
N LEU D 225 -37.66 -8.00 31.51
CA LEU D 225 -37.90 -7.14 32.65
C LEU D 225 -39.25 -7.50 33.27
N GLY D 226 -39.26 -7.74 34.57
CA GLY D 226 -40.47 -8.12 35.26
C GLY D 226 -41.40 -6.94 35.44
N PRO D 227 -42.62 -7.20 35.91
CA PRO D 227 -43.58 -6.11 36.14
C PRO D 227 -43.09 -5.10 37.16
N ASP D 228 -42.19 -5.49 38.06
CA ASP D 228 -41.64 -4.57 39.06
C ASP D 228 -40.52 -3.71 38.49
N GLY D 229 -40.11 -3.93 37.25
CA GLY D 229 -39.03 -3.16 36.67
C GLY D 229 -37.64 -3.66 37.00
N VAL D 230 -37.50 -4.96 37.26
CA VAL D 230 -36.20 -5.55 37.59
C VAL D 230 -35.87 -6.63 36.57
N PRO D 231 -34.59 -6.83 36.23
CA PRO D 231 -34.25 -7.86 35.24
C PRO D 231 -34.57 -9.25 35.74
N SER D 232 -34.84 -10.14 34.79
CA SER D 232 -35.10 -11.53 35.11
C SER D 232 -33.81 -12.22 35.57
N ARG D 233 -33.96 -13.46 36.03
CA ARG D 233 -32.80 -14.21 36.52
C ARG D 233 -31.80 -14.46 35.40
N ALA D 234 -32.27 -14.75 34.19
CA ALA D 234 -31.36 -15.00 33.08
C ALA D 234 -30.55 -13.75 32.74
N ALA D 235 -31.17 -12.57 32.82
CA ALA D 235 -30.46 -11.34 32.51
C ALA D 235 -29.32 -11.09 33.50
N GLU D 236 -29.56 -11.31 34.78
CA GLU D 236 -28.54 -11.02 35.79
C GLU D 236 -27.37 -11.98 35.68
N VAL D 237 -27.63 -13.28 35.52
CA VAL D 237 -26.54 -14.25 35.44
C VAL D 237 -25.73 -14.05 34.17
N ALA D 238 -26.38 -13.65 33.06
CA ALA D 238 -25.63 -13.34 31.85
C ALA D 238 -24.70 -12.15 32.06
N ALA D 239 -25.18 -11.12 32.74
CA ALA D 239 -24.33 -9.97 33.06
C ALA D 239 -23.19 -10.39 33.99
N ALA D 240 -23.50 -11.23 34.99
CA ALA D 240 -22.47 -11.65 35.93
C ALA D 240 -21.37 -12.45 35.22
N ALA D 241 -21.76 -13.30 34.26
CA ALA D 241 -20.76 -14.04 33.51
C ALA D 241 -19.88 -13.13 32.67
N TYR D 242 -20.45 -12.04 32.14
CA TYR D 242 -19.67 -11.11 31.33
C TYR D 242 -18.61 -10.40 32.18
N ARG D 243 -18.94 -10.05 33.42
CA ARG D 243 -17.99 -9.35 34.28
C ARG D 243 -16.77 -10.21 34.60
N ASN D 244 -16.85 -11.52 34.40
CA ASN D 244 -15.74 -12.43 34.64
C ASN D 244 -15.10 -12.82 33.32
N LEU D 245 -13.79 -12.60 33.21
CA LEU D 245 -13.06 -12.93 31.99
C LEU D 245 -12.99 -14.43 31.78
N SER E 2 30.06 21.47 -32.26
CA SER E 2 29.00 21.78 -33.20
C SER E 2 28.66 23.27 -33.18
N GLU E 3 27.84 23.70 -34.15
CA GLU E 3 27.42 25.09 -34.20
C GLU E 3 26.59 25.45 -32.98
N TRP E 4 25.68 24.56 -32.58
CA TRP E 4 24.82 24.81 -31.43
C TRP E 4 25.56 24.71 -30.11
N SER E 5 26.76 24.11 -30.11
CA SER E 5 27.60 24.15 -28.92
C SER E 5 28.20 25.54 -28.72
N ARG E 6 28.51 26.23 -29.82
CA ARG E 6 29.15 27.54 -29.72
C ARG E 6 28.16 28.61 -29.26
N ILE E 7 26.91 28.53 -29.73
CA ILE E 7 25.93 29.56 -29.38
C ILE E 7 25.63 29.52 -27.88
N ALA E 8 25.63 28.32 -27.28
CA ALA E 8 25.48 28.23 -25.83
C ALA E 8 26.63 28.91 -25.12
N VAL E 9 27.85 28.75 -25.66
CA VAL E 9 29.01 29.46 -25.11
C VAL E 9 28.82 30.96 -25.29
N GLU E 10 28.39 31.38 -26.48
CA GLU E 10 28.19 32.80 -26.75
C GLU E 10 27.04 33.37 -25.93
N PHE E 11 25.98 32.58 -25.72
CA PHE E 11 24.83 33.07 -24.98
C PHE E 11 25.20 33.41 -23.54
N GLY E 12 26.01 32.56 -22.90
CA GLY E 12 26.38 32.79 -21.52
C GLY E 12 27.38 33.92 -21.33
N GLU E 13 28.16 34.25 -22.37
CA GLU E 13 29.10 35.35 -22.28
C GLU E 13 28.42 36.71 -22.28
N GLN E 14 27.14 36.77 -22.62
CA GLN E 14 26.40 38.03 -22.60
C GLN E 14 26.19 38.50 -21.16
N GLN E 15 26.38 39.80 -20.93
CA GLN E 15 26.23 40.36 -19.59
C GLN E 15 24.77 40.38 -19.20
N LEU E 16 24.43 39.69 -18.11
CA LEU E 16 23.05 39.62 -17.66
C LEU E 16 22.61 40.96 -17.07
N ASN E 17 21.33 41.26 -17.26
CA ASN E 17 20.75 42.51 -16.76
C ASN E 17 20.24 42.26 -15.33
N LEU E 18 20.93 42.86 -14.36
CA LEU E 18 20.59 42.61 -12.96
C LEU E 18 19.20 43.11 -12.61
N THR E 19 18.86 44.33 -13.05
CA THR E 19 17.55 44.88 -12.72
C THR E 19 16.43 44.14 -13.44
N GLU E 20 16.68 43.70 -14.68
CA GLU E 20 15.68 42.89 -15.38
C GLU E 20 15.51 41.53 -14.72
N LEU E 21 16.62 40.88 -14.36
CA LEU E 21 16.53 39.58 -13.69
C LEU E 21 15.86 39.72 -12.33
N GLU E 22 16.17 40.80 -11.59
CA GLU E 22 15.51 41.04 -10.32
C GLU E 22 14.01 41.28 -10.52
N ASP E 23 13.63 41.92 -11.63
CA ASP E 23 12.22 42.10 -11.93
C ASP E 23 11.52 40.76 -12.13
N PHE E 24 12.19 39.83 -12.81
CA PHE E 24 11.63 38.50 -12.98
C PHE E 24 11.45 37.79 -11.65
N ALA E 25 12.44 37.91 -10.76
CA ALA E 25 12.43 37.14 -9.52
C ALA E 25 11.27 37.52 -8.63
N ARG E 26 10.99 38.81 -8.48
CA ARG E 26 9.90 39.24 -7.60
C ARG E 26 8.56 38.74 -8.10
N GLU E 27 8.34 38.76 -9.42
CA GLU E 27 7.10 38.24 -9.97
C GLU E 27 6.97 36.74 -9.75
N LEU E 28 8.09 36.03 -9.77
CA LEU E 28 8.07 34.57 -9.63
C LEU E 28 8.26 34.10 -8.19
N ALA E 29 8.38 35.03 -7.23
CA ALA E 29 8.54 34.63 -5.83
C ALA E 29 7.29 33.90 -5.36
N TYR E 30 7.49 32.92 -4.47
CA TYR E 30 6.37 32.14 -3.96
C TYR E 30 5.37 33.03 -3.24
N GLU E 31 4.10 32.86 -3.58
CA GLU E 31 2.99 33.49 -2.90
C GLU E 31 2.07 32.41 -2.35
N GLY E 32 1.57 32.62 -1.13
CA GLY E 32 0.71 31.65 -0.49
C GLY E 32 -0.66 32.23 -0.27
N LEU E 33 -1.44 31.54 0.57
CA LEU E 33 -2.78 32.01 0.91
C LEU E 33 -2.72 33.45 1.39
N ASP E 34 -3.41 34.33 0.69
CA ASP E 34 -3.43 35.73 1.08
C ASP E 34 -4.70 36.00 1.86
N PRO E 35 -4.60 36.22 3.18
CA PRO E 35 -5.82 36.42 3.98
C PRO E 35 -6.60 37.67 3.60
N ALA E 36 -5.99 38.62 2.89
CA ALA E 36 -6.72 39.81 2.49
C ALA E 36 -7.72 39.50 1.37
N LEU E 37 -7.36 38.61 0.44
CA LEU E 37 -8.27 38.33 -0.67
C LEU E 37 -9.43 37.43 -0.27
N ILE E 38 -9.22 36.48 0.64
CA ILE E 38 -10.32 35.64 1.09
C ILE E 38 -11.37 36.47 1.82
N ILE E 39 -10.93 37.42 2.65
CA ILE E 39 -11.86 38.32 3.31
C ILE E 39 -12.55 39.20 2.28
N LYS E 40 -11.84 39.59 1.22
CA LYS E 40 -12.44 40.41 0.18
C LYS E 40 -13.62 39.69 -0.48
N LYS E 41 -13.41 38.44 -0.89
CA LYS E 41 -14.52 37.66 -1.43
C LYS E 41 -15.58 37.40 -0.37
N LEU E 42 -15.15 37.16 0.87
CA LEU E 42 -16.10 36.94 1.96
C LEU E 42 -16.93 38.19 2.24
N LYS E 43 -16.29 39.36 2.24
CA LYS E 43 -17.02 40.59 2.56
C LYS E 43 -17.89 41.07 1.41
N GLU E 44 -17.42 40.93 0.17
CA GLU E 44 -18.18 41.45 -0.96
C GLU E 44 -19.44 40.64 -1.23
N THR E 45 -19.41 39.32 -1.00
CA THR E 45 -20.57 38.50 -1.29
C THR E 45 -21.68 38.72 -0.27
N GLY E 46 -21.33 38.81 1.01
CA GLY E 46 -22.31 39.04 2.04
C GLY E 46 -22.37 40.49 2.49
N GLY E 47 -23.49 41.15 2.25
CA GLY E 47 -23.65 42.54 2.63
C GLY E 47 -23.63 42.77 4.12
N ASP E 48 -24.51 42.08 4.85
CA ASP E 48 -24.58 42.20 6.30
C ASP E 48 -24.56 40.88 7.04
N ASP E 49 -24.91 39.76 6.40
CA ASP E 49 -24.92 38.47 7.05
C ASP E 49 -23.57 37.79 7.06
N TRP E 50 -22.54 38.41 6.49
CA TRP E 50 -21.21 37.81 6.46
C TRP E 50 -20.68 37.59 7.88
N VAL E 51 -21.15 38.39 8.84
CA VAL E 51 -20.75 38.18 10.23
C VAL E 51 -21.26 36.84 10.74
N LYS E 52 -22.52 36.52 10.42
CA LYS E 52 -23.12 35.28 10.89
C LYS E 52 -22.96 34.12 9.90
N ASP E 53 -22.73 34.39 8.62
CA ASP E 53 -22.51 33.32 7.66
C ASP E 53 -21.12 32.72 7.81
N THR E 54 -20.11 33.57 8.08
CA THR E 54 -18.74 33.08 8.20
C THR E 54 -18.61 32.12 9.39
N LYS E 55 -19.18 32.49 10.52
CA LYS E 55 -19.10 31.63 11.71
C LYS E 55 -19.81 30.30 11.50
N PHE E 56 -20.83 30.25 10.65
CA PHE E 56 -21.42 28.97 10.28
C PHE E 56 -20.44 28.11 9.49
N ILE E 57 -19.72 28.73 8.54
CA ILE E 57 -18.69 28.01 7.81
C ILE E 57 -17.53 27.67 8.74
N ILE E 58 -17.23 28.56 9.69
CA ILE E 58 -16.10 28.35 10.60
C ILE E 58 -16.35 27.10 11.45
N VAL E 59 -17.55 26.99 12.02
CA VAL E 59 -17.84 25.85 12.89
C VAL E 59 -17.87 24.55 12.10
N PHE E 60 -18.24 24.61 10.82
CA PHE E 60 -18.21 23.42 9.98
C PHE E 60 -16.77 22.93 9.77
N ALA E 61 -15.86 23.86 9.49
CA ALA E 61 -14.46 23.49 9.35
C ALA E 61 -13.84 23.11 10.68
N LEU E 62 -14.33 23.70 11.78
CA LEU E 62 -13.82 23.35 13.09
C LEU E 62 -14.29 21.97 13.53
N THR E 63 -15.52 21.60 13.15
CA THR E 63 -16.09 20.32 13.54
C THR E 63 -15.79 19.22 12.52
N ARG E 64 -16.02 19.50 11.25
CA ARG E 64 -15.80 18.53 10.17
C ARG E 64 -14.69 19.04 9.25
N GLY E 65 -14.36 18.24 8.24
CA GLY E 65 -13.31 18.56 7.31
C GLY E 65 -13.78 19.46 6.19
N ASN E 66 -12.88 19.66 5.21
CA ASN E 66 -13.17 20.50 4.06
C ASN E 66 -13.95 19.76 2.98
N LYS E 67 -14.21 18.46 3.15
CA LYS E 67 -14.99 17.70 2.19
C LYS E 67 -16.45 18.12 2.29
N ILE E 68 -16.89 18.97 1.37
CA ILE E 68 -18.23 19.54 1.44
C ILE E 68 -19.28 18.48 1.14
N VAL E 69 -19.19 17.85 -0.02
CA VAL E 69 -20.23 16.94 -0.47
C VAL E 69 -20.28 15.69 0.41
N LYS E 70 -19.12 15.19 0.84
CA LYS E 70 -19.10 13.97 1.64
C LYS E 70 -19.66 14.21 3.03
N ALA E 71 -19.36 15.37 3.63
CA ALA E 71 -19.86 15.65 4.98
C ALA E 71 -21.36 15.93 4.97
N SER E 72 -21.89 16.49 3.88
CA SER E 72 -23.31 16.80 3.82
C SER E 72 -24.17 15.54 3.85
N GLY E 73 -23.66 14.43 3.32
CA GLY E 73 -24.43 13.20 3.29
C GLY E 73 -24.44 12.41 4.58
N LYS E 74 -23.68 12.84 5.58
CA LYS E 74 -23.63 12.19 6.89
C LYS E 74 -23.82 13.22 7.99
N MET E 75 -24.85 14.06 7.82
CA MET E 75 -25.03 15.22 8.69
C MET E 75 -26.52 15.53 8.79
N SER E 76 -26.87 16.30 9.82
CA SER E 76 -28.27 16.60 10.09
C SER E 76 -28.91 17.33 8.91
N ASN E 77 -30.20 17.07 8.70
CA ASN E 77 -30.91 17.61 7.55
C ASN E 77 -30.94 19.14 7.59
N SER E 78 -31.18 19.71 8.77
CA SER E 78 -31.24 21.16 8.89
C SER E 78 -29.92 21.81 8.51
N GLY E 79 -28.81 21.23 8.97
CA GLY E 79 -27.51 21.77 8.62
C GLY E 79 -27.18 21.63 7.14
N SER E 80 -27.63 20.55 6.52
CA SER E 80 -27.30 20.31 5.11
C SER E 80 -27.90 21.38 4.20
N LYS E 81 -29.14 21.81 4.49
CA LYS E 81 -29.79 22.78 3.63
C LYS E 81 -29.05 24.11 3.62
N ARG E 82 -28.64 24.59 4.80
CA ARG E 82 -27.99 25.90 4.87
C ARG E 82 -26.57 25.83 4.34
N LEU E 83 -25.85 24.74 4.60
CA LEU E 83 -24.49 24.62 4.11
C LEU E 83 -24.45 24.61 2.58
N MET E 84 -25.39 23.90 1.95
CA MET E 84 -25.46 23.89 0.49
C MET E 84 -25.82 25.28 -0.04
N ALA E 85 -26.71 25.99 0.66
CA ALA E 85 -27.03 27.35 0.26
C ALA E 85 -25.80 28.26 0.38
N LEU E 86 -25.06 28.13 1.48
CA LEU E 86 -23.81 28.88 1.62
C LEU E 86 -22.75 28.38 0.64
N GLN E 87 -22.83 27.11 0.24
CA GLN E 87 -21.90 26.59 -0.75
C GLN E 87 -22.05 27.30 -2.08
N GLU E 88 -23.30 27.48 -2.54
CA GLU E 88 -23.53 28.16 -3.80
C GLU E 88 -23.26 29.66 -3.67
N LYS E 89 -23.56 30.23 -2.50
CA LYS E 89 -23.41 31.67 -2.32
C LYS E 89 -21.94 32.10 -2.44
N TYR E 90 -21.03 31.35 -1.84
CA TYR E 90 -19.62 31.73 -1.81
C TYR E 90 -18.76 30.96 -2.81
N GLY E 91 -19.30 29.91 -3.42
CA GLY E 91 -18.53 29.12 -4.38
C GLY E 91 -17.35 28.42 -3.76
N LEU E 92 -17.56 27.78 -2.62
CA LEU E 92 -16.49 27.09 -1.91
C LEU E 92 -15.99 25.90 -2.72
N VAL E 93 -14.72 25.55 -2.52
CA VAL E 93 -14.08 24.43 -3.20
C VAL E 93 -13.51 23.50 -2.13
N GLU E 94 -13.71 22.19 -2.32
CA GLU E 94 -13.24 21.23 -1.33
C GLU E 94 -11.72 21.19 -1.26
N ARG E 95 -11.03 21.47 -2.37
CA ARG E 95 -9.58 21.42 -2.44
C ARG E 95 -9.03 22.80 -2.75
N ALA E 96 -7.74 22.96 -2.54
CA ALA E 96 -7.04 24.23 -2.75
C ALA E 96 -6.07 24.06 -3.93
N GLU E 97 -6.49 24.53 -5.10
CA GLU E 97 -5.64 24.48 -6.28
C GLU E 97 -4.90 25.79 -6.51
N THR E 98 -5.57 26.92 -6.31
CA THR E 98 -5.00 28.25 -6.49
C THR E 98 -5.04 29.01 -5.18
N ARG E 99 -4.46 30.22 -5.19
CA ARG E 99 -4.54 31.08 -4.02
C ARG E 99 -5.92 31.73 -3.87
N LEU E 100 -6.71 31.76 -4.95
CA LEU E 100 -8.07 32.28 -4.87
C LEU E 100 -9.08 31.23 -4.38
N SER E 101 -8.66 29.97 -4.25
CA SER E 101 -9.57 28.94 -3.79
C SER E 101 -10.01 29.22 -2.37
N ILE E 102 -11.30 29.01 -2.11
CA ILE E 102 -11.90 29.32 -0.82
C ILE E 102 -12.47 28.01 -0.27
N THR E 103 -11.70 27.35 0.59
CA THR E 103 -12.12 26.13 1.25
C THR E 103 -12.43 26.42 2.72
N PRO E 104 -13.31 25.64 3.35
CA PRO E 104 -13.67 25.95 4.75
C PRO E 104 -12.49 26.02 5.70
N VAL E 105 -11.48 25.16 5.53
CA VAL E 105 -10.32 25.24 6.41
C VAL E 105 -9.51 26.50 6.13
N ARG E 106 -9.59 27.03 4.91
CA ARG E 106 -8.91 28.30 4.60
C ARG E 106 -9.53 29.44 5.40
N VAL E 107 -10.86 29.47 5.52
CA VAL E 107 -11.52 30.50 6.31
C VAL E 107 -11.15 30.36 7.78
N ALA E 108 -10.95 29.13 8.24
CA ALA E 108 -10.53 28.90 9.62
C ALA E 108 -9.19 29.55 9.90
N GLN E 109 -8.22 29.35 9.02
CA GLN E 109 -6.89 29.93 9.23
C GLN E 109 -6.84 31.41 8.91
N SER E 110 -7.82 31.94 8.16
CA SER E 110 -7.81 33.34 7.79
C SER E 110 -8.36 34.24 8.89
N LEU E 111 -9.04 33.69 9.88
CA LEU E 111 -9.60 34.46 10.99
C LEU E 111 -9.27 33.74 12.29
N PRO E 112 -8.00 33.70 12.68
CA PRO E 112 -7.61 32.85 13.81
C PRO E 112 -8.22 33.27 15.14
N THR E 113 -8.48 34.56 15.35
CA THR E 113 -8.93 35.02 16.66
C THR E 113 -10.31 34.47 16.99
N TRP E 114 -11.25 34.57 16.05
CA TRP E 114 -12.61 34.08 16.30
C TRP E 114 -12.64 32.56 16.32
N THR E 115 -12.03 31.92 15.32
CA THR E 115 -12.21 30.48 15.13
C THR E 115 -11.56 29.68 16.23
N CYS E 116 -10.57 30.25 16.93
CA CYS E 116 -9.85 29.50 17.93
C CYS E 116 -10.40 29.71 19.34
N ALA E 117 -10.94 30.90 19.63
CA ALA E 117 -11.67 31.08 20.87
C ALA E 117 -12.94 30.25 20.90
N ALA E 118 -13.55 30.04 19.73
CA ALA E 118 -14.74 29.19 19.66
C ALA E 118 -14.40 27.74 19.99
N ALA E 119 -13.23 27.26 19.57
CA ALA E 119 -12.84 25.88 19.85
C ALA E 119 -12.64 25.64 21.34
N ALA E 120 -12.42 26.69 22.13
CA ALA E 120 -12.25 26.50 23.57
C ALA E 120 -13.50 25.94 24.22
N ALA E 121 -14.67 26.43 23.82
CA ALA E 121 -15.93 25.96 24.36
C ALA E 121 -16.39 24.65 23.73
N LEU E 122 -15.74 24.20 22.66
CA LEU E 122 -16.13 23.00 21.93
C LEU E 122 -15.18 21.84 22.23
N LYS E 123 -14.75 21.72 23.48
CA LYS E 123 -13.73 20.72 23.84
C LYS E 123 -14.16 19.31 23.48
N GLU E 124 -15.46 19.01 23.56
CA GLU E 124 -15.96 17.67 23.30
C GLU E 124 -16.40 17.47 21.85
N TYR E 125 -16.26 18.48 20.99
CA TYR E 125 -16.77 18.42 19.63
C TYR E 125 -15.69 18.50 18.56
N LEU E 126 -14.45 18.80 18.91
CA LEU E 126 -13.38 18.81 17.92
C LEU E 126 -13.10 17.38 17.45
N PRO E 127 -12.56 17.22 16.25
CA PRO E 127 -12.22 15.86 15.78
C PRO E 127 -11.28 15.12 16.71
N VAL E 128 -10.32 15.82 17.32
CA VAL E 128 -9.44 15.24 18.34
C VAL E 128 -9.35 16.23 19.50
N GLY E 129 -9.47 15.72 20.72
CA GLY E 129 -9.39 16.54 21.90
C GLY E 129 -9.03 15.75 23.13
N PRO E 130 -9.66 16.08 24.26
CA PRO E 130 -9.41 15.31 25.48
C PRO E 130 -9.81 13.85 25.36
N ALA E 131 -10.75 13.53 24.47
CA ALA E 131 -11.19 12.14 24.31
C ALA E 131 -10.07 11.24 23.81
N VAL E 132 -9.01 11.80 23.24
CA VAL E 132 -7.94 11.02 22.63
C VAL E 132 -6.61 11.19 23.36
N MET E 133 -6.19 12.44 23.58
CA MET E 133 -4.83 12.71 24.03
C MET E 133 -4.75 13.16 25.49
N ASN E 134 -5.84 13.09 26.25
CA ASN E 134 -5.76 13.46 27.66
C ASN E 134 -4.89 12.47 28.43
N LEU E 135 -4.76 11.25 27.92
CA LEU E 135 -3.88 10.26 28.52
C LEU E 135 -2.41 10.65 28.43
N LYS E 136 -2.06 11.63 27.59
CA LYS E 136 -0.68 12.07 27.42
C LYS E 136 -0.34 13.30 28.25
N VAL E 137 -1.23 14.29 28.30
CA VAL E 137 -1.00 15.53 29.03
C VAL E 137 -2.23 15.85 29.86
N GLU E 138 -2.00 16.59 30.94
CA GLU E 138 -3.05 16.95 31.89
C GLU E 138 -3.33 18.44 31.81
N ASN E 139 -4.62 18.79 31.90
CA ASN E 139 -5.07 20.18 31.85
C ASN E 139 -4.59 20.88 30.57
N TYR E 140 -4.88 20.24 29.44
CA TYR E 140 -4.52 20.81 28.16
C TYR E 140 -5.32 22.08 27.91
N PRO E 141 -4.68 23.14 27.41
CA PRO E 141 -5.39 24.40 27.21
C PRO E 141 -6.34 24.32 26.03
N PRO E 142 -7.65 24.49 26.26
CA PRO E 142 -8.60 24.48 25.14
C PRO E 142 -8.48 25.70 24.23
N GLU E 143 -7.85 26.77 24.69
CA GLU E 143 -7.77 28.00 23.91
C GLU E 143 -6.88 27.86 22.68
N MET E 144 -6.11 26.79 22.56
CA MET E 144 -5.25 26.57 21.41
C MET E 144 -5.52 25.25 20.70
N MET E 145 -6.62 24.57 21.03
CA MET E 145 -6.99 23.32 20.37
C MET E 145 -7.74 23.64 19.08
N CYS E 146 -7.03 24.32 18.18
CA CYS E 146 -7.64 24.82 16.94
C CYS E 146 -6.64 24.70 15.81
N MET E 147 -7.16 24.58 14.59
CA MET E 147 -6.30 24.47 13.42
C MET E 147 -5.63 25.79 13.05
N ALA E 148 -6.08 26.90 13.63
CA ALA E 148 -5.55 28.22 13.31
C ALA E 148 -4.54 28.72 14.33
N PHE E 149 -4.23 27.94 15.38
CA PHE E 149 -3.26 28.39 16.36
C PHE E 149 -1.83 28.42 15.81
N GLY E 150 -1.59 27.82 14.65
CA GLY E 150 -0.29 27.95 14.01
C GLY E 150 0.03 29.38 13.63
N SER E 151 -0.98 30.14 13.22
CA SER E 151 -0.81 31.54 12.87
C SER E 151 -0.88 32.47 14.08
N LEU E 152 -1.14 31.94 15.27
CA LEU E 152 -1.27 32.79 16.46
C LEU E 152 0.02 32.90 17.25
N ILE E 153 0.89 31.90 17.19
CA ILE E 153 2.13 31.91 17.95
C ILE E 153 3.10 32.90 17.32
N PRO E 154 3.60 33.88 18.08
CA PRO E 154 4.51 34.88 17.53
C PRO E 154 5.97 34.51 17.72
N THR E 155 6.83 35.17 16.93
CA THR E 155 8.27 35.01 17.03
C THR E 155 9.01 36.32 17.22
N ALA E 156 8.34 37.46 17.18
CA ALA E 156 8.95 38.76 17.40
C ALA E 156 8.22 39.46 18.53
N GLY E 157 8.97 40.10 19.43
CA GLY E 157 8.41 40.66 20.64
C GLY E 157 8.40 39.71 21.82
N VAL E 158 8.73 38.44 21.61
CA VAL E 158 8.81 37.44 22.67
C VAL E 158 10.11 36.67 22.46
N SER E 159 10.58 36.04 23.55
CA SER E 159 11.85 35.34 23.49
C SER E 159 11.78 34.15 22.55
N GLU E 160 12.93 33.83 21.94
CA GLU E 160 12.99 32.72 20.98
C GLU E 160 12.66 31.40 21.65
N ALA E 161 13.13 31.19 22.88
CA ALA E 161 12.86 29.95 23.59
C ALA E 161 11.37 29.73 23.78
N THR E 162 10.62 30.81 24.05
CA THR E 162 9.17 30.69 24.18
C THR E 162 8.54 30.24 22.86
N THR E 163 9.04 30.74 21.73
CA THR E 163 8.52 30.30 20.44
C THR E 163 8.78 28.81 20.22
N LYS E 164 9.95 28.33 20.64
CA LYS E 164 10.28 26.92 20.44
C LYS E 164 9.35 26.02 21.23
N THR E 165 9.11 26.34 22.51
CA THR E 165 8.28 25.47 23.34
C THR E 165 6.81 25.56 22.95
N LEU E 166 6.35 26.76 22.58
CA LEU E 166 4.97 26.89 22.10
C LEU E 166 4.78 26.13 20.79
N MET E 167 5.76 26.21 19.89
CA MET E 167 5.75 25.33 18.72
C MET E 167 5.86 23.87 19.14
N GLU E 168 6.70 23.60 20.14
CA GLU E 168 6.86 22.22 20.62
C GLU E 168 5.56 21.70 21.21
N ALA E 169 4.86 22.54 21.98
CA ALA E 169 3.58 22.12 22.56
C ALA E 169 2.49 22.01 21.50
N TYR E 170 2.50 22.93 20.52
CA TYR E 170 1.48 22.87 19.47
C TYR E 170 1.60 21.61 18.65
N SER E 171 2.82 21.15 18.40
CA SER E 171 3.03 19.95 17.58
C SER E 171 2.43 18.71 18.24
N LEU E 172 2.28 18.69 19.56
CA LEU E 172 1.76 17.51 20.23
C LEU E 172 0.30 17.25 19.84
N TRP E 173 -0.52 18.30 19.86
CA TRP E 173 -1.94 18.13 19.54
C TRP E 173 -2.13 17.61 18.12
N GLN E 174 -1.43 18.22 17.17
CA GLN E 174 -1.65 17.89 15.77
C GLN E 174 -0.80 16.72 15.31
N ASP E 175 0.13 16.24 16.15
CA ASP E 175 0.74 14.94 15.91
C ASP E 175 -0.30 13.83 15.97
N ALA E 176 -1.14 13.85 17.00
CA ALA E 176 -2.24 12.89 17.07
C ALA E 176 -3.29 13.20 16.01
N PHE E 177 -3.52 14.49 15.72
CA PHE E 177 -4.45 14.87 14.66
C PHE E 177 -4.00 14.32 13.31
N THR E 178 -2.73 14.48 12.99
CA THR E 178 -2.21 13.96 11.72
C THR E 178 -2.28 12.43 11.67
N LYS E 179 -1.92 11.77 12.78
CA LYS E 179 -1.98 10.32 12.81
C LYS E 179 -3.41 9.81 12.68
N THR E 180 -4.35 10.48 13.34
CA THR E 180 -5.74 10.04 13.28
C THR E 180 -6.38 10.38 11.93
N ILE E 181 -5.98 11.49 11.31
CA ILE E 181 -6.65 11.94 10.10
C ILE E 181 -6.16 11.22 8.85
N ASN E 182 -4.96 10.66 8.86
CA ASN E 182 -4.38 10.05 7.68
C ASN E 182 -4.20 8.55 7.91
N VAL E 183 -4.73 7.74 6.98
CA VAL E 183 -4.66 6.30 7.13
C VAL E 183 -3.23 5.80 6.94
N LYS E 184 -2.52 6.32 5.94
CA LYS E 184 -1.17 5.85 5.66
C LYS E 184 -0.18 6.36 6.72
N MET E 185 -0.47 7.52 7.32
CA MET E 185 0.46 8.12 8.27
C MET E 185 0.36 7.51 9.66
N ARG E 186 -0.71 6.77 9.96
CA ARG E 186 -0.85 6.15 11.26
C ARG E 186 0.26 5.11 11.48
N GLY E 187 0.78 5.06 12.70
CA GLY E 187 1.86 4.15 13.01
C GLY E 187 3.16 4.45 12.30
N ALA E 188 3.51 5.72 12.17
CA ALA E 188 4.74 6.15 11.53
C ALA E 188 5.69 6.73 12.57
N SER E 189 6.94 6.92 12.15
CA SER E 189 7.96 7.44 13.03
C SER E 189 7.68 8.90 13.39
N LYS E 190 8.13 9.28 14.58
CA LYS E 190 7.99 10.67 15.01
C LYS E 190 8.74 11.62 14.09
N THR E 191 9.93 11.23 13.65
CA THR E 191 10.71 12.07 12.74
C THR E 191 9.93 12.35 11.47
N GLU E 192 9.12 11.40 11.00
CA GLU E 192 8.27 11.64 9.84
C GLU E 192 7.16 12.63 10.16
N VAL E 193 6.69 12.66 11.40
CA VAL E 193 5.61 13.58 11.78
C VAL E 193 6.09 15.02 11.63
N TYR E 194 7.27 15.32 12.16
CA TYR E 194 7.78 16.69 12.08
C TYR E 194 8.23 17.02 10.66
N ASN E 195 8.82 16.05 9.96
CA ASN E 195 9.30 16.30 8.60
C ASN E 195 8.15 16.59 7.65
N SER E 196 7.04 15.86 7.78
CA SER E 196 5.86 16.08 6.95
C SER E 196 5.03 17.26 7.42
N PHE E 197 5.44 17.96 8.47
CA PHE E 197 4.66 19.05 9.03
C PHE E 197 5.47 20.31 9.29
N ARG E 198 6.80 20.25 9.24
CA ARG E 198 7.60 21.44 9.53
C ARG E 198 7.32 22.56 8.54
N ASP E 199 7.18 22.23 7.25
CA ASP E 199 6.97 23.26 6.24
C ASP E 199 5.66 24.01 6.42
N PRO E 200 4.49 23.35 6.50
CA PRO E 200 3.24 24.12 6.64
C PRO E 200 3.17 24.93 7.93
N LEU E 201 3.77 24.43 9.01
CA LEU E 201 3.67 25.12 10.29
C LEU E 201 4.38 26.48 10.25
N HIS E 202 5.62 26.49 9.76
CA HIS E 202 6.42 27.71 9.81
C HIS E 202 5.86 28.81 8.92
N ALA E 203 5.16 28.44 7.85
CA ALA E 203 4.58 29.45 6.96
C ALA E 203 3.55 30.29 7.70
N ALA E 204 2.68 29.65 8.46
CA ALA E 204 1.68 30.38 9.25
C ALA E 204 2.35 31.24 10.32
N VAL E 205 3.39 30.70 10.96
CA VAL E 205 4.06 31.44 12.03
C VAL E 205 4.74 32.69 11.47
N ASN E 206 5.39 32.56 10.32
CA ASN E 206 6.15 33.66 9.75
C ASN E 206 5.29 34.64 8.96
N SER E 207 3.99 34.39 8.84
CA SER E 207 3.12 35.31 8.11
C SER E 207 3.01 36.64 8.85
N VAL E 208 2.91 37.72 8.07
CA VAL E 208 2.88 39.07 8.62
C VAL E 208 1.55 39.76 8.36
N PHE E 209 0.51 38.99 8.01
CA PHE E 209 -0.82 39.57 7.85
C PHE E 209 -1.41 39.96 9.20
N PHE E 210 -1.61 38.98 10.07
CA PHE E 210 -2.24 39.23 11.36
C PHE E 210 -1.22 39.91 12.28
N PRO E 211 -1.54 41.06 12.88
CA PRO E 211 -0.53 41.85 13.57
C PRO E 211 0.12 41.09 14.72
N ASN E 212 1.40 41.36 14.94
CA ASN E 212 2.15 40.67 15.98
C ASN E 212 1.78 41.16 17.38
N ASP E 213 1.51 42.45 17.53
CA ASP E 213 1.21 43.00 18.86
C ASP E 213 -0.07 42.38 19.42
N VAL E 214 -1.08 42.20 18.57
CA VAL E 214 -2.33 41.61 19.04
C VAL E 214 -2.21 40.11 19.27
N ARG E 215 -1.21 39.44 18.67
CA ARG E 215 -1.02 38.02 18.92
C ARG E 215 -0.75 37.76 20.40
N VAL E 216 0.22 38.46 20.97
CA VAL E 216 0.57 38.24 22.37
C VAL E 216 -0.52 38.76 23.30
N LYS E 217 -1.12 39.90 22.95
CA LYS E 217 -2.13 40.48 23.83
C LYS E 217 -3.35 39.58 23.96
N TRP E 218 -3.81 39.01 22.83
CA TRP E 218 -4.89 38.04 22.90
C TRP E 218 -4.45 36.80 23.66
N LEU E 219 -3.22 36.34 23.43
CA LEU E 219 -2.71 35.18 24.13
C LEU E 219 -2.53 35.46 25.62
N LYS E 220 -2.24 36.71 25.98
CA LYS E 220 -2.10 37.06 27.39
C LYS E 220 -3.40 36.87 28.14
N ALA E 221 -4.53 37.29 27.54
CA ALA E 221 -5.82 37.17 28.20
C ALA E 221 -6.33 35.75 28.26
N LYS E 222 -5.78 34.85 27.44
CA LYS E 222 -6.20 33.46 27.42
C LYS E 222 -5.46 32.59 28.41
N GLY E 223 -4.48 33.15 29.14
CA GLY E 223 -3.74 32.41 30.13
C GLY E 223 -2.61 31.57 29.60
N ILE E 224 -2.38 31.55 28.28
CA ILE E 224 -1.28 30.77 27.73
C ILE E 224 0.06 31.33 28.20
N LEU E 225 0.21 32.65 28.15
CA LEU E 225 1.42 33.33 28.62
C LEU E 225 1.10 34.08 29.90
N GLY E 226 1.95 33.90 30.92
CA GLY E 226 1.79 34.58 32.18
C GLY E 226 2.11 36.06 32.05
N PRO E 227 1.67 36.85 33.04
CA PRO E 227 1.94 38.30 32.97
C PRO E 227 3.42 38.65 32.89
N ASP E 228 4.28 37.85 33.53
CA ASP E 228 5.72 38.09 33.44
C ASP E 228 6.27 37.76 32.06
N GLY E 229 5.57 36.96 31.28
CA GLY E 229 6.02 36.54 29.97
C GLY E 229 6.47 35.10 29.87
N VAL E 230 6.15 34.26 30.84
CA VAL E 230 6.56 32.86 30.83
C VAL E 230 5.36 32.02 30.40
N PRO E 231 5.57 30.97 29.59
CA PRO E 231 4.45 30.11 29.19
C PRO E 231 3.82 29.43 30.40
N SER E 232 2.52 29.17 30.29
CA SER E 232 1.78 28.56 31.38
C SER E 232 2.24 27.13 31.61
N ARG E 233 1.86 26.58 32.76
CA ARG E 233 2.30 25.25 33.17
C ARG E 233 1.93 24.19 32.13
N ALA E 234 0.77 24.35 31.48
CA ALA E 234 0.36 23.36 30.48
C ALA E 234 1.30 23.35 29.29
N ALA E 235 2.00 24.45 29.03
CA ALA E 235 2.89 24.50 27.87
C ALA E 235 4.12 23.63 28.08
N GLU E 236 4.77 23.75 29.25
CA GLU E 236 6.00 23.01 29.48
C GLU E 236 5.75 21.51 29.57
N VAL E 237 4.67 21.10 30.25
CA VAL E 237 4.37 19.68 30.38
C VAL E 237 4.05 19.07 29.02
N ALA E 238 3.37 19.83 28.15
CA ALA E 238 3.20 19.40 26.78
C ALA E 238 4.52 19.36 26.03
N ALA E 239 5.38 20.35 26.27
CA ALA E 239 6.69 20.37 25.63
C ALA E 239 7.53 19.18 26.05
N ALA E 240 7.51 18.84 27.34
CA ALA E 240 8.27 17.69 27.82
C ALA E 240 7.68 16.37 27.33
N ALA E 241 6.36 16.32 27.14
CA ALA E 241 5.72 15.06 26.75
C ALA E 241 5.99 14.72 25.29
N TYR E 242 6.02 15.73 24.41
CA TYR E 242 6.15 15.46 22.99
C TYR E 242 7.57 15.10 22.61
N ARG E 243 8.57 15.69 23.29
CA ARG E 243 9.96 15.43 22.91
C ARG E 243 10.33 13.96 23.13
N ASN E 244 9.87 13.38 24.24
CA ASN E 244 10.14 11.96 24.53
C ASN E 244 9.05 11.06 23.99
N LEU E 245 8.76 11.19 22.69
CA LEU E 245 7.73 10.39 22.01
C LEU E 245 6.38 10.52 22.71
#